data_1QAB
#
_entry.id   1QAB
#
_cell.length_a   140.23
_cell.length_b   140.23
_cell.length_c   124.08
_cell.angle_alpha   90.0
_cell.angle_beta   90.0
_cell.angle_gamma   90.0
#
_symmetry.space_group_name_H-M   'P 41 21 2'
#
loop_
_entity.id
_entity.type
_entity.pdbx_description
1 polymer 'PROTEIN (transthyretin)'
2 polymer 'PROTEIN (retinol binding protein)'
3 non-polymer RETINOL
#
loop_
_entity_poly.entity_id
_entity_poly.type
_entity_poly.pdbx_seq_one_letter_code
_entity_poly.pdbx_strand_id
1 'polypeptide(L)'
;GPTGTGESKCPLMVKVLDAVRGSPAINVAVHVFRKAADDTWEPFASGKTSESGELHGLTTEEQFVEGIYKVEIDTKSYWK
ALGISPFHEHAEVVFTANDSGPRRYTIAALLSPYSYSTTAVVTNPKE
;
A,B,C,D
2 'polypeptide(L)'
;CAVSSFRVKENFDKARFSGTWYAMAKKDPEGLFLQDNIVAEFSVDETGQMSATAKGRVRLLNNWDVCADMVGTFTDTEDP
AKFKMKYWGVASFLQKGNDDHWIVDTDYDTYAVQYSCRLLNLDGTCADSYSFVFSRDPNGLPPEAQKIVAQRQEELCLAA
QYRLIVHNGYCDGRSERNLL
;
E,F
#
loop_
_chem_comp.id
_chem_comp.type
_chem_comp.name
_chem_comp.formula
RTL non-polymer RETINOL 'C20 H30 O'
#
# COMPACT_ATOMS: atom_id res chain seq x y z
N GLY A 1 -13.49 -40.76 -19.62
CA GLY A 1 -12.72 -40.25 -18.44
C GLY A 1 -13.62 -39.37 -17.62
N PRO A 2 -13.19 -38.91 -16.43
CA PRO A 2 -14.08 -38.06 -15.62
C PRO A 2 -14.71 -36.90 -16.37
N THR A 3 -15.77 -36.37 -15.79
CA THR A 3 -16.50 -35.24 -16.32
C THR A 3 -16.10 -34.08 -15.44
N GLY A 4 -16.11 -32.88 -15.99
CA GLY A 4 -15.70 -31.70 -15.24
C GLY A 4 -14.20 -31.78 -14.98
N THR A 5 -13.40 -31.41 -15.95
CA THR A 5 -11.96 -31.49 -15.78
C THR A 5 -11.38 -30.22 -16.42
N GLY A 6 -10.22 -29.81 -15.96
CA GLY A 6 -9.61 -28.60 -16.50
C GLY A 6 -8.23 -28.37 -15.90
N GLU A 7 -7.71 -27.15 -16.04
CA GLU A 7 -6.40 -26.90 -15.48
C GLU A 7 -6.44 -26.57 -14.01
N SER A 8 -5.26 -26.46 -13.43
CA SER A 8 -5.10 -26.16 -12.03
C SER A 8 -4.27 -24.91 -11.84
N LYS A 9 -4.72 -23.79 -12.41
CA LYS A 9 -3.99 -22.53 -12.22
C LYS A 9 -4.76 -21.65 -11.27
N CYS A 10 -4.42 -21.78 -9.98
CA CYS A 10 -5.05 -21.01 -8.92
C CYS A 10 -5.77 -19.79 -9.43
N PRO A 11 -7.10 -19.80 -9.40
CA PRO A 11 -7.85 -18.64 -9.88
C PRO A 11 -7.65 -17.53 -8.87
N LEU A 12 -7.90 -17.85 -7.60
CA LEU A 12 -7.78 -16.90 -6.50
C LEU A 12 -6.47 -17.03 -5.72
N MET A 13 -6.05 -15.93 -5.08
CA MET A 13 -4.83 -15.93 -4.26
C MET A 13 -4.65 -14.74 -3.32
N VAL A 14 -4.75 -15.00 -2.03
CA VAL A 14 -4.59 -13.98 -1.02
C VAL A 14 -3.12 -13.90 -0.65
N LYS A 15 -2.64 -12.71 -0.29
CA LYS A 15 -1.24 -12.48 0.13
C LYS A 15 -1.10 -11.37 1.15
N VAL A 16 -0.59 -11.69 2.35
CA VAL A 16 -0.45 -10.69 3.41
C VAL A 16 1.02 -10.38 3.78
N LEU A 17 1.29 -9.10 3.99
CA LEU A 17 2.61 -8.57 4.35
C LEU A 17 2.63 -7.82 5.70
N ASP A 18 3.81 -7.78 6.30
CA ASP A 18 4.00 -7.14 7.60
C ASP A 18 4.75 -5.81 7.50
N ALA A 19 4.00 -4.73 7.65
CA ALA A 19 4.61 -3.41 7.58
C ALA A 19 5.63 -3.15 8.74
N VAL A 20 5.50 -3.83 9.86
CA VAL A 20 6.43 -3.55 10.95
C VAL A 20 7.70 -4.39 10.98
N ARG A 21 7.66 -5.65 10.53
CA ARG A 21 8.86 -6.49 10.52
C ARG A 21 9.41 -6.77 9.14
N GLY A 22 8.69 -6.30 8.10
CA GLY A 22 9.11 -6.50 6.70
C GLY A 22 9.16 -7.97 6.31
N SER A 23 8.10 -8.64 6.70
CA SER A 23 8.00 -10.06 6.47
C SER A 23 6.61 -10.41 6.01
N PRO A 24 6.45 -11.60 5.45
CA PRO A 24 5.11 -11.95 4.99
C PRO A 24 4.25 -12.35 6.18
N ALA A 25 2.98 -11.99 6.13
CA ALA A 25 2.08 -12.35 7.23
C ALA A 25 1.84 -13.87 7.18
N ILE A 26 2.32 -14.59 8.19
CA ILE A 26 2.11 -16.03 8.20
C ILE A 26 1.15 -16.43 9.32
N ASN A 27 0.24 -17.34 9.00
CA ASN A 27 -0.74 -17.81 9.95
C ASN A 27 -1.76 -16.71 10.27
N VAL A 28 -2.41 -16.22 9.22
CA VAL A 28 -3.44 -15.20 9.33
C VAL A 28 -4.75 -15.86 8.82
N ALA A 29 -5.85 -15.65 9.53
CA ALA A 29 -7.11 -16.26 9.16
C ALA A 29 -7.81 -15.51 8.04
N VAL A 30 -8.36 -16.26 7.10
CA VAL A 30 -9.07 -15.65 5.99
C VAL A 30 -10.34 -16.42 5.61
N HIS A 31 -11.48 -15.82 5.92
CA HIS A 31 -12.77 -16.41 5.65
C HIS A 31 -13.38 -15.74 4.44
N VAL A 32 -13.98 -16.51 3.54
CA VAL A 32 -14.58 -15.91 2.34
C VAL A 32 -16.10 -16.10 2.22
N PHE A 33 -16.81 -15.07 1.76
CA PHE A 33 -18.26 -15.20 1.68
C PHE A 33 -18.89 -14.76 0.34
N ARG A 34 -20.02 -15.35 -0.02
CA ARG A 34 -20.67 -15.01 -1.27
C ARG A 34 -22.10 -14.53 -1.02
N LYS A 35 -22.39 -13.28 -1.39
CA LYS A 35 -23.74 -12.75 -1.19
C LYS A 35 -24.70 -13.84 -1.61
N ALA A 36 -25.74 -14.06 -0.80
CA ALA A 36 -26.71 -15.08 -1.14
C ALA A 36 -27.82 -14.50 -2.02
N ALA A 37 -28.66 -15.40 -2.51
CA ALA A 37 -29.79 -14.99 -3.33
C ALA A 37 -30.68 -14.07 -2.47
N ASP A 38 -30.48 -14.10 -1.15
CA ASP A 38 -31.28 -13.29 -0.24
C ASP A 38 -30.46 -12.31 0.57
N ASP A 39 -29.62 -11.54 -0.10
CA ASP A 39 -28.80 -10.56 0.62
C ASP A 39 -28.10 -11.13 1.87
N THR A 40 -27.94 -12.45 1.91
CA THR A 40 -27.28 -13.08 3.04
C THR A 40 -25.89 -13.60 2.71
N TRP A 41 -24.93 -13.19 3.54
CA TRP A 41 -23.55 -13.62 3.36
C TRP A 41 -23.45 -15.10 3.75
N GLU A 42 -22.95 -15.91 2.82
CA GLU A 42 -22.76 -17.34 3.05
C GLU A 42 -21.27 -17.61 3.14
N PRO A 43 -20.89 -18.62 3.93
CA PRO A 43 -19.45 -18.91 4.05
C PRO A 43 -18.98 -19.54 2.75
N PHE A 44 -17.81 -19.12 2.29
CA PHE A 44 -17.27 -19.66 1.06
C PHE A 44 -15.99 -20.45 1.24
N ALA A 45 -14.89 -19.74 1.46
CA ALA A 45 -13.57 -20.37 1.65
C ALA A 45 -12.72 -19.85 2.84
N SER A 46 -12.36 -20.80 3.70
CA SER A 46 -11.56 -20.63 4.93
C SER A 46 -10.09 -21.00 4.64
N GLY A 47 -9.18 -20.60 5.52
CA GLY A 47 -7.77 -20.92 5.36
C GLY A 47 -6.86 -19.88 6.04
N LYS A 48 -5.62 -20.29 6.32
CA LYS A 48 -4.66 -19.41 6.96
C LYS A 48 -3.50 -19.24 5.99
N THR A 49 -2.68 -18.22 6.19
CA THR A 49 -1.56 -17.95 5.29
C THR A 49 -0.34 -18.80 5.68
N SER A 50 0.39 -19.26 4.65
CA SER A 50 1.58 -20.09 4.81
C SER A 50 2.79 -19.37 5.41
N GLU A 51 3.97 -19.94 5.15
CA GLU A 51 5.23 -19.37 5.61
C GLU A 51 5.43 -18.23 4.64
N SER A 52 4.85 -18.39 3.46
CA SER A 52 4.91 -17.40 2.38
C SER A 52 4.10 -16.11 2.60
N GLY A 53 2.95 -16.26 3.26
CA GLY A 53 2.06 -15.14 3.48
C GLY A 53 1.03 -15.31 2.39
N GLU A 54 1.02 -16.51 1.81
CA GLU A 54 0.15 -16.93 0.71
C GLU A 54 -0.82 -18.05 1.04
N LEU A 55 -2.07 -17.87 0.60
CA LEU A 55 -3.13 -18.85 0.85
C LEU A 55 -3.52 -19.39 -0.52
N HIS A 56 -3.25 -20.67 -0.77
CA HIS A 56 -3.57 -21.25 -2.07
C HIS A 56 -4.76 -22.20 -2.03
N GLY A 57 -5.38 -22.41 -3.19
CA GLY A 57 -6.51 -23.33 -3.24
C GLY A 57 -7.59 -22.96 -2.25
N LEU A 58 -8.36 -21.94 -2.59
CA LEU A 58 -9.43 -21.50 -1.74
C LEU A 58 -10.72 -21.81 -2.49
N THR A 59 -10.55 -22.15 -3.76
CA THR A 59 -11.67 -22.48 -4.61
C THR A 59 -11.24 -23.06 -5.96
N THR A 60 -12.22 -23.35 -6.80
CA THR A 60 -11.97 -23.92 -8.10
C THR A 60 -12.67 -23.09 -9.15
N GLU A 61 -12.26 -23.29 -10.39
CA GLU A 61 -12.79 -22.55 -11.53
C GLU A 61 -14.28 -22.69 -11.62
N GLU A 62 -14.64 -23.96 -11.74
CA GLU A 62 -16.00 -24.39 -11.86
C GLU A 62 -16.78 -23.87 -10.65
N GLN A 63 -16.22 -24.06 -9.45
CA GLN A 63 -16.87 -23.61 -8.22
C GLN A 63 -16.96 -22.09 -8.07
N PHE A 64 -16.10 -21.36 -8.77
CA PHE A 64 -16.11 -19.90 -8.71
C PHE A 64 -17.05 -19.48 -9.83
N VAL A 65 -18.24 -19.05 -9.43
CA VAL A 65 -19.24 -18.58 -10.37
C VAL A 65 -19.33 -17.08 -10.16
N GLU A 66 -19.90 -16.35 -11.09
CA GLU A 66 -19.97 -14.91 -10.91
C GLU A 66 -20.94 -14.50 -9.84
N GLY A 67 -20.59 -13.43 -9.15
CA GLY A 67 -21.45 -12.93 -8.08
C GLY A 67 -20.56 -12.04 -7.25
N ILE A 68 -20.96 -11.76 -6.02
CA ILE A 68 -20.14 -10.93 -5.16
C ILE A 68 -19.55 -11.89 -4.15
N TYR A 69 -18.37 -11.56 -3.64
CA TYR A 69 -17.71 -12.42 -2.64
C TYR A 69 -17.14 -11.50 -1.60
N LYS A 70 -16.61 -12.08 -0.53
CA LYS A 70 -15.98 -11.28 0.51
C LYS A 70 -14.72 -12.00 0.89
N VAL A 71 -13.80 -11.22 1.46
CA VAL A 71 -12.49 -11.70 1.91
C VAL A 71 -12.15 -10.90 3.17
N GLU A 72 -12.41 -11.53 4.31
CA GLU A 72 -12.15 -10.97 5.61
C GLU A 72 -10.80 -11.50 6.08
N ILE A 73 -9.95 -10.60 6.58
CA ILE A 73 -8.65 -10.99 7.11
C ILE A 73 -8.55 -10.42 8.53
N ASP A 74 -8.62 -11.30 9.50
CA ASP A 74 -8.55 -10.94 10.91
C ASP A 74 -7.17 -10.45 11.34
N THR A 75 -6.92 -9.15 11.14
CA THR A 75 -5.64 -8.57 11.54
C THR A 75 -5.56 -8.53 13.08
N LYS A 76 -6.69 -8.35 13.73
CA LYS A 76 -6.77 -8.28 15.18
C LYS A 76 -5.99 -9.36 15.92
N SER A 77 -6.08 -10.59 15.41
CA SER A 77 -5.40 -11.74 16.01
C SER A 77 -3.90 -11.61 15.90
N TYR A 78 -3.44 -11.37 14.67
CA TYR A 78 -2.02 -11.24 14.31
C TYR A 78 -1.22 -10.36 15.24
N TRP A 79 -1.70 -9.13 15.34
CA TRP A 79 -1.11 -8.07 16.15
C TRP A 79 -1.13 -8.30 17.66
N LYS A 80 -2.20 -8.90 18.17
CA LYS A 80 -2.29 -9.16 19.60
C LYS A 80 -1.27 -10.19 20.08
N ALA A 81 -1.26 -11.37 19.46
CA ALA A 81 -0.31 -12.41 19.83
C ALA A 81 1.07 -11.77 19.84
N LEU A 82 1.28 -10.88 18.87
CA LEU A 82 2.55 -10.20 18.76
C LEU A 82 2.84 -9.39 20.02
N GLY A 83 1.90 -8.51 20.38
CA GLY A 83 2.03 -7.65 21.54
C GLY A 83 1.66 -6.22 21.22
N ILE A 84 0.77 -6.07 20.23
CA ILE A 84 0.31 -4.77 19.72
C ILE A 84 -1.23 -4.66 19.60
N SER A 85 -1.81 -3.66 20.27
CA SER A 85 -3.26 -3.42 20.23
C SER A 85 -3.59 -2.60 18.97
N PRO A 86 -4.02 -3.29 17.89
CA PRO A 86 -4.39 -2.69 16.59
C PRO A 86 -5.58 -1.74 16.65
N PHE A 87 -5.89 -1.08 15.54
CA PHE A 87 -7.04 -0.16 15.50
C PHE A 87 -8.24 -0.80 14.80
N HIS A 88 -7.94 -1.55 13.75
CA HIS A 88 -8.97 -2.22 13.00
C HIS A 88 -9.23 -3.61 13.53
N GLU A 89 -10.49 -4.01 13.59
CA GLU A 89 -10.82 -5.33 14.08
C GLU A 89 -10.44 -6.32 12.97
N HIS A 90 -10.49 -5.88 11.73
CA HIS A 90 -10.16 -6.78 10.62
C HIS A 90 -10.24 -6.05 9.28
N ALA A 91 -9.70 -6.66 8.23
CA ALA A 91 -9.71 -6.01 6.91
C ALA A 91 -10.67 -6.63 5.91
N GLU A 92 -11.64 -5.83 5.49
CA GLU A 92 -12.65 -6.33 4.55
C GLU A 92 -12.55 -5.90 3.08
N VAL A 93 -12.62 -6.90 2.19
CA VAL A 93 -12.60 -6.64 0.75
C VAL A 93 -13.89 -7.28 0.21
N VAL A 94 -14.68 -6.46 -0.48
CA VAL A 94 -15.96 -6.87 -1.09
C VAL A 94 -15.95 -6.45 -2.58
N PHE A 95 -16.06 -7.45 -3.46
CA PHE A 95 -15.97 -7.22 -4.90
C PHE A 95 -16.82 -8.20 -5.71
N THR A 96 -17.10 -7.88 -6.97
CA THR A 96 -17.85 -8.84 -7.76
C THR A 96 -16.81 -9.75 -8.38
N ALA A 97 -17.20 -10.68 -9.27
CA ALA A 97 -16.19 -11.56 -9.85
C ALA A 97 -16.63 -12.25 -11.13
N ASN A 98 -15.67 -12.78 -11.89
CA ASN A 98 -15.98 -13.44 -13.16
C ASN A 98 -17.22 -12.90 -13.79
N ASP A 99 -17.42 -11.62 -13.49
CA ASP A 99 -18.54 -10.85 -13.95
C ASP A 99 -18.71 -11.03 -15.45
N SER A 100 -17.65 -10.79 -16.22
CA SER A 100 -17.73 -10.91 -17.68
C SER A 100 -16.82 -12.04 -18.17
N GLY A 101 -16.94 -13.21 -17.57
CA GLY A 101 -16.07 -14.30 -17.97
C GLY A 101 -15.14 -14.63 -16.82
N PRO A 102 -14.54 -15.83 -16.77
CA PRO A 102 -13.64 -16.17 -15.67
C PRO A 102 -12.32 -15.38 -15.67
N ARG A 103 -11.84 -15.04 -14.48
CA ARG A 103 -10.60 -14.28 -14.41
C ARG A 103 -9.81 -14.61 -13.14
N ARG A 104 -8.49 -14.48 -13.23
CA ARG A 104 -7.55 -14.78 -12.14
C ARG A 104 -7.25 -13.62 -11.19
N TYR A 105 -7.84 -13.65 -10.00
CA TYR A 105 -7.64 -12.59 -9.02
C TYR A 105 -6.60 -12.87 -7.95
N THR A 106 -5.87 -11.82 -7.59
CA THR A 106 -4.83 -11.86 -6.58
C THR A 106 -4.96 -10.67 -5.61
N ILE A 107 -5.47 -10.95 -4.40
CA ILE A 107 -5.65 -9.93 -3.36
C ILE A 107 -4.46 -9.91 -2.38
N ALA A 108 -3.75 -8.78 -2.33
CA ALA A 108 -2.62 -8.60 -1.43
C ALA A 108 -2.94 -7.54 -0.40
N ALA A 109 -2.55 -7.79 0.84
CA ALA A 109 -2.83 -6.82 1.87
C ALA A 109 -1.57 -6.54 2.66
N LEU A 110 -1.21 -5.26 2.73
CA LEU A 110 -0.03 -4.83 3.47
C LEU A 110 -0.61 -4.46 4.83
N LEU A 111 0.00 -4.97 5.89
CA LEU A 111 -0.46 -4.76 7.26
C LEU A 111 0.35 -3.74 8.08
N SER A 112 -0.37 -2.94 8.86
CA SER A 112 0.19 -1.94 9.75
C SER A 112 -0.87 -1.70 10.84
N PRO A 113 -0.45 -1.79 12.11
CA PRO A 113 -1.26 -1.60 13.32
C PRO A 113 -2.43 -0.61 13.23
N TYR A 114 -2.21 0.52 12.59
CA TYR A 114 -3.26 1.53 12.46
C TYR A 114 -3.52 1.90 11.01
N SER A 115 -3.07 1.03 10.11
CA SER A 115 -3.27 1.28 8.70
C SER A 115 -3.06 -0.02 7.94
N TYR A 116 -3.77 -0.14 6.82
CA TYR A 116 -3.61 -1.30 5.97
C TYR A 116 -4.18 -0.98 4.60
N SER A 117 -3.48 -1.43 3.57
CA SER A 117 -3.93 -1.14 2.23
C SER A 117 -4.12 -2.42 1.45
N THR A 118 -5.03 -2.41 0.46
CA THR A 118 -5.27 -3.60 -0.36
C THR A 118 -5.23 -3.27 -1.84
N THR A 119 -4.81 -4.23 -2.66
CA THR A 119 -4.76 -4.03 -4.11
C THR A 119 -5.14 -5.34 -4.78
N ALA A 120 -5.48 -5.24 -6.06
CA ALA A 120 -5.87 -6.43 -6.80
C ALA A 120 -5.14 -6.55 -8.14
N VAL A 121 -4.44 -7.64 -8.36
CA VAL A 121 -3.76 -7.82 -9.65
C VAL A 121 -4.66 -8.77 -10.42
N VAL A 122 -5.29 -8.31 -11.49
CA VAL A 122 -6.18 -9.17 -12.26
C VAL A 122 -5.90 -9.00 -13.75
N THR A 123 -5.98 -10.10 -14.51
CA THR A 123 -5.74 -9.98 -15.95
C THR A 123 -6.46 -10.98 -16.81
N ASN A 124 -6.85 -10.53 -18.00
CA ASN A 124 -7.56 -11.36 -18.96
C ASN A 124 -6.60 -12.17 -19.81
N CYS B 10 -14.90 17.26 14.06
CA CYS B 10 -14.34 17.23 15.43
C CYS B 10 -14.62 15.93 16.22
N PRO B 11 -15.70 15.21 15.85
CA PRO B 11 -16.05 13.96 16.52
C PRO B 11 -15.34 12.77 15.86
N LEU B 12 -15.46 12.72 14.53
CA LEU B 12 -14.85 11.70 13.68
C LEU B 12 -14.80 12.35 12.28
N MET B 13 -13.70 13.01 11.96
CA MET B 13 -13.59 13.67 10.65
C MET B 13 -12.95 12.79 9.59
N VAL B 14 -13.83 12.20 8.77
CA VAL B 14 -13.44 11.34 7.68
C VAL B 14 -12.92 12.27 6.59
N LYS B 15 -12.01 11.77 5.75
CA LYS B 15 -11.42 12.54 4.66
C LYS B 15 -10.98 11.57 3.56
N VAL B 16 -11.36 11.87 2.32
CA VAL B 16 -11.00 11.00 1.19
C VAL B 16 -9.92 11.64 0.33
N LEU B 17 -9.33 10.83 -0.57
CA LEU B 17 -8.29 11.27 -1.49
C LEU B 17 -8.25 10.42 -2.76
N ASP B 18 -8.31 11.08 -3.90
CA ASP B 18 -8.29 10.43 -5.19
C ASP B 18 -6.82 10.29 -5.61
N ALA B 19 -6.34 9.06 -5.73
CA ALA B 19 -4.94 8.79 -6.10
C ALA B 19 -4.65 8.95 -7.60
N VAL B 20 -5.65 8.69 -8.44
CA VAL B 20 -5.44 8.84 -9.88
C VAL B 20 -5.37 10.33 -10.18
N ARG B 21 -6.34 11.06 -9.64
CA ARG B 21 -6.47 12.50 -9.81
C ARG B 21 -5.67 13.28 -8.78
N GLY B 22 -5.13 12.64 -7.76
CA GLY B 22 -4.38 13.40 -6.77
C GLY B 22 -5.09 14.67 -6.34
N SER B 23 -6.32 14.50 -5.85
CA SER B 23 -7.17 15.60 -5.42
C SER B 23 -8.04 15.06 -4.30
N PRO B 24 -9.14 15.74 -3.98
CA PRO B 24 -10.05 15.29 -2.92
C PRO B 24 -11.29 14.66 -3.50
N ALA B 25 -11.65 13.49 -2.99
CA ALA B 25 -12.83 12.76 -3.44
C ALA B 25 -14.11 13.52 -3.07
N ILE B 26 -14.46 14.52 -3.85
CA ILE B 26 -15.64 15.29 -3.56
C ILE B 26 -16.93 14.49 -3.78
N ASN B 27 -17.94 14.78 -2.97
CA ASN B 27 -19.25 14.15 -3.08
C ASN B 27 -19.31 12.67 -2.85
N VAL B 28 -18.38 12.16 -2.07
CA VAL B 28 -18.38 10.74 -1.76
C VAL B 28 -19.37 10.49 -0.62
N ALA B 29 -20.25 9.52 -0.83
CA ALA B 29 -21.25 9.15 0.16
C ALA B 29 -20.54 8.43 1.28
N VAL B 30 -21.04 8.57 2.50
CA VAL B 30 -20.42 7.93 3.67
C VAL B 30 -21.46 7.59 4.77
N HIS B 31 -21.72 6.30 4.95
CA HIS B 31 -22.65 5.80 5.95
C HIS B 31 -21.88 5.11 7.07
N VAL B 32 -22.18 5.48 8.31
CA VAL B 32 -21.51 4.89 9.47
C VAL B 32 -22.52 4.13 10.34
N PHE B 33 -22.09 2.97 10.83
CA PHE B 33 -22.93 2.10 11.67
C PHE B 33 -22.25 1.73 13.00
N ARG B 34 -23.06 1.46 14.03
CA ARG B 34 -22.52 1.09 15.35
C ARG B 34 -23.15 -0.22 15.82
N LYS B 35 -22.40 -1.32 15.88
CA LYS B 35 -22.94 -2.62 16.29
C LYS B 35 -23.96 -2.53 17.44
N ALA B 36 -25.14 -3.08 17.21
CA ALA B 36 -26.18 -3.07 18.23
C ALA B 36 -26.05 -4.34 19.05
N ALA B 37 -26.69 -4.35 20.21
CA ALA B 37 -26.73 -5.48 21.14
C ALA B 37 -26.69 -6.86 20.45
N ASP B 38 -27.70 -7.03 19.59
CA ASP B 38 -28.00 -8.20 18.78
C ASP B 38 -26.98 -8.60 17.68
N ASP B 39 -25.86 -7.90 17.66
CA ASP B 39 -24.78 -8.09 16.69
C ASP B 39 -25.12 -7.61 15.29
N THR B 40 -25.96 -6.58 15.21
CA THR B 40 -26.30 -6.05 13.90
C THR B 40 -25.91 -4.63 13.82
N TRP B 41 -25.77 -4.16 12.59
CA TRP B 41 -25.40 -2.79 12.36
C TRP B 41 -26.68 -1.96 12.24
N GLU B 42 -26.65 -0.80 12.86
CA GLU B 42 -27.77 0.09 12.82
C GLU B 42 -27.19 1.48 12.56
N PRO B 43 -27.68 2.13 11.49
CA PRO B 43 -27.29 3.46 11.04
C PRO B 43 -26.88 4.37 12.18
N PHE B 44 -25.78 5.08 11.98
CA PHE B 44 -25.30 6.01 13.00
C PHE B 44 -25.22 7.47 12.53
N ALA B 45 -24.88 7.66 11.27
CA ALA B 45 -24.81 8.99 10.63
C ALA B 45 -24.29 8.77 9.20
N SER B 46 -24.48 9.77 8.36
CA SER B 46 -24.03 9.66 6.99
C SER B 46 -24.00 11.00 6.29
N GLY B 47 -23.42 11.04 5.10
CA GLY B 47 -23.34 12.28 4.36
C GLY B 47 -22.56 12.21 3.06
N LYS B 48 -21.89 13.32 2.75
CA LYS B 48 -21.11 13.41 1.53
C LYS B 48 -19.87 14.27 1.77
N THR B 49 -18.78 13.90 1.12
CA THR B 49 -17.54 14.63 1.23
C THR B 49 -17.68 16.00 0.52
N SER B 50 -17.37 17.08 1.23
CA SER B 50 -17.43 18.45 0.67
C SER B 50 -16.50 18.60 -0.52
N GLU B 51 -16.18 19.86 -0.86
CA GLU B 51 -15.29 20.18 -1.97
C GLU B 51 -13.84 19.91 -1.64
N SER B 52 -13.56 19.77 -0.35
CA SER B 52 -12.22 19.50 0.15
C SER B 52 -12.00 17.99 0.25
N GLY B 53 -13.08 17.24 0.36
CA GLY B 53 -12.96 15.80 0.50
C GLY B 53 -12.99 15.41 1.96
N GLU B 54 -13.63 16.24 2.78
CA GLU B 54 -13.70 15.97 4.21
C GLU B 54 -15.11 15.84 4.75
N LEU B 55 -15.24 15.03 5.80
CA LEU B 55 -16.54 14.83 6.39
C LEU B 55 -16.59 15.15 7.88
N HIS B 56 -17.25 16.26 8.22
CA HIS B 56 -17.40 16.72 9.62
C HIS B 56 -18.90 16.84 9.99
N GLY B 57 -19.18 16.96 11.29
CA GLY B 57 -20.56 17.07 11.73
C GLY B 57 -21.26 15.72 11.74
N LEU B 58 -20.47 14.69 12.01
CA LEU B 58 -20.95 13.32 12.02
C LEU B 58 -21.52 12.81 13.34
N THR B 59 -21.37 13.57 14.43
CA THR B 59 -21.86 13.14 15.74
C THR B 59 -21.30 14.04 16.84
N THR B 60 -21.55 13.67 18.09
CA THR B 60 -21.09 14.47 19.21
C THR B 60 -20.52 13.66 20.37
N GLU B 61 -19.62 14.31 21.11
CA GLU B 61 -18.95 13.72 22.27
C GLU B 61 -19.78 12.75 23.10
N GLU B 62 -21.02 13.12 23.43
CA GLU B 62 -21.88 12.21 24.24
C GLU B 62 -22.97 11.48 23.48
N GLN B 63 -22.60 10.90 22.35
CA GLN B 63 -23.51 10.16 21.49
C GLN B 63 -22.60 9.15 20.88
N PHE B 64 -21.35 9.55 20.86
CA PHE B 64 -20.30 8.74 20.32
C PHE B 64 -19.76 7.94 21.48
N VAL B 65 -20.46 6.85 21.79
CA VAL B 65 -20.09 6.00 22.93
C VAL B 65 -19.27 4.74 22.64
N GLU B 66 -18.60 4.25 23.68
CA GLU B 66 -17.76 3.06 23.54
C GLU B 66 -18.50 2.01 22.75
N GLY B 67 -17.76 1.23 21.98
CA GLY B 67 -18.37 0.19 21.16
C GLY B 67 -17.61 -0.12 19.89
N ILE B 68 -18.28 -0.81 18.97
CA ILE B 68 -17.67 -1.19 17.72
C ILE B 68 -18.31 -0.48 16.52
N TYR B 69 -17.50 0.32 15.82
CA TYR B 69 -18.06 1.04 14.68
C TYR B 69 -17.50 0.62 13.33
N LYS B 70 -18.38 0.72 12.32
CA LYS B 70 -18.09 0.40 10.94
C LYS B 70 -18.35 1.65 10.11
N VAL B 71 -17.42 1.94 9.22
CA VAL B 71 -17.54 3.10 8.34
C VAL B 71 -17.60 2.52 6.94
N GLU B 72 -18.52 3.02 6.12
CA GLU B 72 -18.68 2.51 4.76
C GLU B 72 -18.59 3.61 3.72
N ILE B 73 -17.61 3.51 2.83
CA ILE B 73 -17.44 4.53 1.80
C ILE B 73 -17.67 3.98 0.40
N ASP B 74 -18.46 4.72 -0.38
CA ASP B 74 -18.78 4.35 -1.76
C ASP B 74 -17.73 4.89 -2.69
N THR B 75 -16.92 3.96 -3.23
CA THR B 75 -15.85 4.27 -4.17
C THR B 75 -16.34 3.99 -5.61
N LYS B 76 -17.00 2.84 -5.80
CA LYS B 76 -17.58 2.43 -7.10
C LYS B 76 -18.24 3.65 -7.77
N SER B 77 -19.31 4.14 -7.14
CA SER B 77 -20.04 5.31 -7.63
C SER B 77 -19.03 6.30 -8.13
N TYR B 78 -18.26 6.86 -7.21
CA TYR B 78 -17.22 7.84 -7.53
C TYR B 78 -16.57 7.51 -8.87
N TRP B 79 -15.97 6.32 -8.94
CA TRP B 79 -15.27 5.82 -10.14
C TRP B 79 -16.09 5.77 -11.42
N LYS B 80 -17.26 5.13 -11.38
CA LYS B 80 -18.11 5.07 -12.58
C LYS B 80 -18.44 6.51 -13.01
N ALA B 81 -18.42 7.44 -12.05
CA ALA B 81 -18.70 8.85 -12.31
C ALA B 81 -17.51 9.49 -13.02
N LEU B 82 -16.41 8.76 -13.04
CA LEU B 82 -15.21 9.23 -13.73
C LEU B 82 -15.23 8.47 -15.05
N GLY B 83 -15.80 7.26 -15.01
CA GLY B 83 -15.89 6.43 -16.19
C GLY B 83 -14.99 5.20 -16.17
N ILE B 84 -14.26 4.99 -15.09
CA ILE B 84 -13.36 3.85 -14.94
C ILE B 84 -14.09 2.74 -14.17
N SER B 85 -14.00 1.48 -14.58
CA SER B 85 -14.65 0.40 -13.80
C SER B 85 -13.66 0.11 -12.67
N PRO B 86 -14.16 -0.09 -11.43
CA PRO B 86 -13.34 -0.35 -10.25
C PRO B 86 -13.30 -1.78 -9.86
N PHE B 87 -12.54 -2.09 -8.81
CA PHE B 87 -12.41 -3.46 -8.34
C PHE B 87 -13.45 -3.77 -7.29
N HIS B 88 -13.42 -2.98 -6.23
CA HIS B 88 -14.30 -3.13 -5.08
C HIS B 88 -15.82 -2.92 -5.23
N GLU B 89 -16.52 -2.99 -4.10
CA GLU B 89 -17.95 -2.79 -4.10
C GLU B 89 -18.20 -1.64 -3.13
N HIS B 90 -17.18 -1.34 -2.34
CA HIS B 90 -17.19 -0.28 -1.35
C HIS B 90 -16.07 -0.58 -0.35
N ALA B 91 -15.56 0.44 0.34
CA ALA B 91 -14.50 0.24 1.32
C ALA B 91 -15.10 0.34 2.73
N GLU B 92 -14.75 -0.63 3.58
CA GLU B 92 -15.28 -0.67 4.94
C GLU B 92 -14.19 -0.52 6.01
N VAL B 93 -14.60 0.08 7.14
CA VAL B 93 -13.73 0.37 8.28
C VAL B 93 -14.43 0.08 9.63
N VAL B 94 -14.04 -1.02 10.27
CA VAL B 94 -14.57 -1.46 11.57
C VAL B 94 -13.56 -1.16 12.68
N PHE B 95 -13.98 -0.55 13.79
CA PHE B 95 -13.00 -0.25 14.84
C PHE B 95 -13.55 0.02 16.22
N THR B 96 -12.81 -0.43 17.24
CA THR B 96 -13.22 -0.27 18.64
C THR B 96 -13.07 1.16 19.15
N ALA B 97 -14.17 1.84 19.46
CA ALA B 97 -14.09 3.20 19.97
C ALA B 97 -13.99 3.08 21.49
N ASN B 98 -12.78 2.99 22.02
CA ASN B 98 -12.62 2.85 23.47
C ASN B 98 -12.45 4.17 24.20
N ASP B 99 -13.05 4.27 25.39
CA ASP B 99 -12.92 5.50 26.16
C ASP B 99 -11.44 5.60 26.58
N SER B 100 -10.72 4.49 26.39
CA SER B 100 -9.29 4.28 26.66
C SER B 100 -8.38 5.46 26.97
N GLY B 101 -8.49 6.51 26.18
CA GLY B 101 -7.63 7.65 26.43
C GLY B 101 -8.06 8.73 25.47
N PRO B 102 -7.39 8.82 24.31
CA PRO B 102 -7.68 9.81 23.28
C PRO B 102 -8.99 9.47 22.59
N ARG B 103 -9.71 10.49 22.17
CA ARG B 103 -10.98 10.25 21.51
C ARG B 103 -11.20 11.10 20.27
N ARG B 104 -10.14 11.70 19.76
CA ARG B 104 -10.22 12.48 18.54
C ARG B 104 -9.91 11.47 17.45
N TYR B 105 -10.88 11.17 16.60
CA TYR B 105 -10.64 10.19 15.55
C TYR B 105 -10.70 10.83 14.16
N THR B 106 -9.67 10.56 13.37
CA THR B 106 -9.59 11.06 11.99
C THR B 106 -9.44 9.82 11.10
N ILE B 107 -10.44 9.57 10.25
CA ILE B 107 -10.48 8.39 9.34
C ILE B 107 -10.27 8.78 7.86
N ALA B 108 -9.12 8.43 7.31
CA ALA B 108 -8.80 8.76 5.92
C ALA B 108 -8.68 7.57 4.97
N ALA B 109 -8.94 7.84 3.70
CA ALA B 109 -8.85 6.83 2.65
C ALA B 109 -8.15 7.39 1.40
N LEU B 110 -7.54 6.50 0.62
CA LEU B 110 -6.85 6.86 -0.63
C LEU B 110 -7.32 5.86 -1.67
N LEU B 111 -8.13 6.35 -2.61
CA LEU B 111 -8.73 5.50 -3.65
C LEU B 111 -8.20 5.62 -5.08
N SER B 112 -7.95 4.46 -5.66
CA SER B 112 -7.44 4.29 -7.01
C SER B 112 -8.34 3.20 -7.57
N PRO B 113 -8.46 3.02 -8.88
CA PRO B 113 -9.36 1.95 -9.34
C PRO B 113 -9.26 0.51 -8.78
N TYR B 114 -8.06 0.02 -8.48
CA TYR B 114 -7.94 -1.35 -7.96
C TYR B 114 -7.23 -1.44 -6.60
N SER B 115 -7.40 -0.44 -5.75
CA SER B 115 -6.76 -0.48 -4.45
C SER B 115 -7.01 0.78 -3.61
N TYR B 116 -7.02 0.59 -2.29
CA TYR B 116 -7.26 1.67 -1.33
C TYR B 116 -6.68 1.38 0.03
N SER B 117 -6.09 2.41 0.63
CA SER B 117 -5.54 2.25 1.97
C SER B 117 -6.31 3.11 2.97
N THR B 118 -6.00 2.96 4.25
CA THR B 118 -6.67 3.71 5.28
C THR B 118 -5.85 3.74 6.56
N THR B 119 -5.85 4.93 7.17
CA THR B 119 -5.17 5.20 8.44
C THR B 119 -6.14 5.91 9.40
N ALA B 120 -5.76 5.94 10.67
CA ALA B 120 -6.48 6.55 11.78
C ALA B 120 -5.42 7.27 12.63
N VAL B 121 -5.86 8.25 13.45
CA VAL B 121 -4.96 9.04 14.32
C VAL B 121 -5.30 9.10 15.83
N VAL B 122 -5.08 10.27 16.42
CA VAL B 122 -5.28 10.53 17.85
C VAL B 122 -4.62 9.44 18.68
N THR B 123 -3.75 9.87 19.57
CA THR B 123 -2.99 9.00 20.44
C THR B 123 -3.55 9.12 21.85
N ASN B 124 -2.73 8.77 22.84
CA ASN B 124 -3.15 8.79 24.24
C ASN B 124 -2.47 9.81 25.15
N PRO B 125 -2.46 11.10 24.76
CA PRO B 125 -1.81 12.11 25.62
C PRO B 125 -2.31 12.13 27.08
N LYS B 126 -1.84 11.16 27.88
CA LYS B 126 -2.24 11.08 29.29
C LYS B 126 -1.42 10.08 30.10
N GLU B 127 -0.30 10.58 30.65
CA GLU B 127 0.63 9.79 31.45
C GLU B 127 -0.03 9.12 32.65
N CYS C 10 19.42 -16.86 -5.81
CA CYS C 10 19.33 -15.44 -6.28
C CYS C 10 18.87 -14.52 -5.13
N PRO C 11 19.39 -13.26 -5.08
CA PRO C 11 19.12 -12.21 -4.10
C PRO C 11 18.04 -11.16 -4.39
N LEU C 12 18.45 -10.03 -4.97
CA LEU C 12 17.53 -8.93 -5.27
C LEU C 12 16.47 -9.25 -6.31
N MET C 13 15.33 -8.54 -6.18
CA MET C 13 14.19 -8.64 -7.07
C MET C 13 13.47 -7.29 -7.10
N VAL C 14 12.66 -7.06 -8.13
CA VAL C 14 11.94 -5.79 -8.30
C VAL C 14 10.55 -5.93 -8.94
N LYS C 15 9.50 -5.84 -8.13
CA LYS C 15 8.14 -5.95 -8.62
C LYS C 15 7.45 -4.61 -8.72
N VAL C 16 6.68 -4.44 -9.79
CA VAL C 16 5.95 -3.20 -10.06
C VAL C 16 4.55 -3.57 -10.56
N LEU C 17 3.50 -2.92 -10.04
CA LEU C 17 2.11 -3.20 -10.49
C LEU C 17 1.28 -1.94 -10.76
N ASP C 18 0.34 -2.05 -11.70
CA ASP C 18 -0.53 -0.91 -12.02
C ASP C 18 -1.74 -0.83 -11.11
N ALA C 19 -1.92 0.36 -10.51
CA ALA C 19 -3.01 0.59 -9.60
C ALA C 19 -4.20 1.26 -10.27
N VAL C 20 -4.25 1.18 -11.60
CA VAL C 20 -5.37 1.74 -12.36
C VAL C 20 -5.96 0.66 -13.27
N ARG C 21 -5.11 -0.23 -13.78
CA ARG C 21 -5.59 -1.33 -14.61
C ARG C 21 -5.51 -2.62 -13.82
N GLY C 22 -5.05 -2.58 -12.57
CA GLY C 22 -4.95 -3.82 -11.83
C GLY C 22 -4.41 -4.80 -12.82
N SER C 23 -3.09 -4.80 -12.94
CA SER C 23 -2.33 -5.65 -13.85
C SER C 23 -0.85 -5.39 -13.58
N PRO C 24 0.01 -6.33 -13.96
CA PRO C 24 1.41 -5.98 -13.63
C PRO C 24 1.87 -4.69 -14.34
N ALA C 25 3.03 -4.17 -13.98
CA ALA C 25 3.56 -2.97 -14.64
C ALA C 25 4.65 -3.48 -15.59
N ILE C 26 4.27 -3.79 -16.82
CA ILE C 26 5.17 -4.33 -17.85
C ILE C 26 6.14 -3.30 -18.47
N ASN C 27 7.31 -3.79 -18.88
CA ASN C 27 8.41 -3.00 -19.48
C ASN C 27 8.58 -1.66 -18.75
N VAL C 28 9.09 -1.72 -17.52
CA VAL C 28 9.30 -0.52 -16.72
C VAL C 28 10.77 -0.48 -16.37
N ALA C 29 11.49 0.43 -17.00
CA ALA C 29 12.91 0.55 -16.77
C ALA C 29 13.19 0.78 -15.30
N VAL C 30 14.29 0.17 -14.84
CA VAL C 30 14.72 0.30 -13.46
C VAL C 30 16.23 0.48 -13.45
N HIS C 31 16.67 1.51 -12.73
CA HIS C 31 18.08 1.84 -12.58
C HIS C 31 18.52 1.81 -11.11
N VAL C 32 19.56 1.00 -10.84
CA VAL C 32 20.10 0.83 -9.51
C VAL C 32 21.47 1.49 -9.42
N PHE C 33 21.74 2.14 -8.28
CA PHE C 33 23.02 2.82 -8.04
C PHE C 33 23.56 2.55 -6.63
N ARG C 34 24.88 2.57 -6.48
CA ARG C 34 25.45 2.34 -5.16
C ARG C 34 26.35 3.51 -4.72
N LYS C 35 26.06 4.07 -3.56
CA LYS C 35 26.84 5.20 -3.05
C LYS C 35 28.31 4.81 -3.08
N ALA C 36 29.15 5.57 -3.77
CA ALA C 36 30.55 5.21 -3.83
C ALA C 36 31.38 5.76 -2.68
N ALA C 37 32.62 5.30 -2.58
CA ALA C 37 33.50 5.75 -1.52
C ALA C 37 33.30 7.24 -1.30
N ASP C 38 33.12 7.96 -2.40
CA ASP C 38 32.96 9.42 -2.38
C ASP C 38 31.58 10.06 -2.31
N ASP C 39 30.64 9.50 -1.56
CA ASP C 39 29.33 10.13 -1.48
C ASP C 39 28.75 10.37 -2.87
N THR C 40 29.21 9.61 -3.85
CA THR C 40 28.73 9.74 -5.23
C THR C 40 28.08 8.46 -5.75
N TRP C 41 26.85 8.59 -6.24
CA TRP C 41 26.12 7.46 -6.77
C TRP C 41 26.83 6.88 -7.99
N GLU C 42 26.84 5.56 -8.07
CA GLU C 42 27.50 4.84 -9.13
C GLU C 42 26.56 3.84 -9.80
N PRO C 43 26.61 3.74 -11.16
CA PRO C 43 25.71 2.77 -11.80
C PRO C 43 26.04 1.37 -11.28
N PHE C 44 25.03 0.62 -10.85
CA PHE C 44 25.30 -0.73 -10.38
C PHE C 44 24.48 -1.83 -11.05
N ALA C 45 23.34 -1.46 -11.60
CA ALA C 45 22.44 -2.39 -12.28
C ALA C 45 21.36 -1.63 -13.03
N SER C 46 20.86 -2.26 -14.09
CA SER C 46 19.82 -1.72 -14.98
C SER C 46 18.94 -2.89 -15.49
N GLY C 47 17.77 -2.57 -16.04
CA GLY C 47 16.90 -3.62 -16.54
C GLY C 47 15.46 -3.15 -16.57
N LYS C 48 14.60 -4.01 -17.13
CA LYS C 48 13.18 -3.68 -17.31
C LYS C 48 12.27 -4.82 -16.92
N THR C 49 11.23 -4.48 -16.18
CA THR C 49 10.20 -5.41 -15.73
C THR C 49 9.75 -6.29 -16.88
N SER C 50 9.30 -7.50 -16.58
CA SER C 50 8.83 -8.38 -17.63
C SER C 50 7.32 -8.32 -17.74
N GLU C 51 6.78 -9.31 -18.44
CA GLU C 51 5.35 -9.45 -18.65
C GLU C 51 4.63 -9.74 -17.32
N SER C 52 5.42 -10.05 -16.28
CA SER C 52 4.91 -10.37 -14.94
C SER C 52 5.31 -9.35 -13.88
N GLY C 53 5.48 -8.10 -14.30
CA GLY C 53 5.88 -7.04 -13.40
C GLY C 53 7.27 -7.15 -12.78
N GLU C 54 7.91 -8.32 -12.90
CA GLU C 54 9.23 -8.60 -12.32
C GLU C 54 10.52 -8.36 -13.13
N LEU C 55 11.63 -8.13 -12.43
CA LEU C 55 12.91 -7.83 -13.07
C LEU C 55 14.11 -8.57 -12.47
N HIS C 56 14.27 -9.83 -12.87
CA HIS C 56 15.35 -10.72 -12.38
C HIS C 56 16.75 -10.52 -12.91
N GLY C 57 17.67 -11.09 -12.13
CA GLY C 57 19.08 -11.09 -12.45
C GLY C 57 19.78 -9.74 -12.47
N LEU C 58 19.48 -8.91 -11.47
CA LEU C 58 20.07 -7.59 -11.34
C LEU C 58 21.49 -7.73 -10.81
N THR C 59 21.67 -8.58 -9.80
CA THR C 59 23.01 -8.84 -9.27
C THR C 59 23.17 -10.22 -8.63
N THR C 60 24.45 -10.56 -8.45
CA THR C 60 24.91 -11.80 -7.89
C THR C 60 25.15 -11.53 -6.42
N GLU C 61 25.18 -12.57 -5.59
CA GLU C 61 25.41 -12.35 -4.15
C GLU C 61 26.81 -11.79 -3.97
N GLU C 62 27.78 -12.55 -4.47
CA GLU C 62 29.16 -12.14 -4.36
C GLU C 62 29.29 -10.69 -4.77
N GLN C 63 28.76 -10.35 -5.93
CA GLN C 63 28.85 -8.95 -6.36
C GLN C 63 28.12 -8.06 -5.36
N PHE C 64 26.87 -8.40 -5.07
CA PHE C 64 26.07 -7.62 -4.13
C PHE C 64 26.78 -7.39 -2.81
N VAL C 65 27.49 -6.28 -2.67
CA VAL C 65 28.14 -6.04 -1.38
C VAL C 65 27.40 -5.01 -0.56
N GLU C 66 27.95 -4.66 0.59
CA GLU C 66 27.27 -3.73 1.44
C GLU C 66 27.46 -2.33 0.96
N GLY C 67 26.54 -1.48 1.39
CA GLY C 67 26.58 -0.11 1.00
C GLY C 67 25.14 0.29 0.77
N ILE C 68 24.92 1.57 0.60
CA ILE C 68 23.58 2.10 0.35
C ILE C 68 23.35 1.82 -1.13
N TYR C 69 22.14 1.40 -1.49
CA TYR C 69 21.82 1.14 -2.89
C TYR C 69 20.61 1.99 -3.18
N LYS C 70 20.45 2.48 -4.40
CA LYS C 70 19.28 3.31 -4.70
C LYS C 70 18.58 2.81 -5.94
N VAL C 71 17.42 2.22 -5.75
CA VAL C 71 16.66 1.72 -6.89
C VAL C 71 15.91 2.95 -7.34
N GLU C 72 15.96 3.22 -8.64
CA GLU C 72 15.24 4.35 -9.24
C GLU C 72 14.33 3.75 -10.30
N ILE C 73 13.03 3.87 -10.10
CA ILE C 73 12.08 3.31 -11.05
C ILE C 73 11.57 4.35 -12.06
N ASP C 74 11.60 3.98 -13.35
CA ASP C 74 11.11 4.90 -14.37
C ASP C 74 9.61 4.78 -14.49
N THR C 75 8.90 5.55 -13.67
CA THR C 75 7.44 5.57 -13.68
C THR C 75 6.88 6.55 -14.70
N LYS C 76 7.48 7.74 -14.73
CA LYS C 76 7.02 8.80 -15.61
C LYS C 76 6.82 8.53 -17.09
N SER C 77 7.54 7.60 -17.68
CA SER C 77 7.30 7.35 -19.09
C SER C 77 6.33 6.20 -19.26
N TYR C 78 6.20 5.40 -18.19
CA TYR C 78 5.28 4.26 -18.13
C TYR C 78 3.88 4.84 -18.16
N TRP C 79 3.70 5.82 -17.30
CA TRP C 79 2.47 6.54 -17.12
C TRP C 79 2.13 7.34 -18.39
N LYS C 80 3.10 8.10 -18.89
CA LYS C 80 2.95 8.91 -20.09
C LYS C 80 2.58 8.06 -21.32
N ALA C 81 3.29 6.95 -21.52
CA ALA C 81 3.05 6.03 -22.64
C ALA C 81 1.65 5.41 -22.52
N LEU C 82 1.02 5.61 -21.37
CA LEU C 82 -0.32 5.13 -21.11
C LEU C 82 -1.30 6.12 -21.74
N GLY C 83 -0.89 7.39 -21.70
CA GLY C 83 -1.68 8.49 -22.23
C GLY C 83 -2.18 9.31 -21.07
N ILE C 84 -1.50 9.15 -19.93
CA ILE C 84 -1.88 9.82 -18.68
C ILE C 84 -0.70 10.58 -18.13
N SER C 85 -0.91 11.78 -17.61
CA SER C 85 0.22 12.52 -17.03
C SER C 85 0.23 12.34 -15.53
N PRO C 86 1.38 11.88 -14.99
CA PRO C 86 1.60 11.62 -13.57
C PRO C 86 1.69 12.90 -12.77
N PHE C 87 2.34 12.79 -11.61
CA PHE C 87 2.58 13.94 -10.74
C PHE C 87 3.98 13.75 -10.17
N HIS C 88 4.47 12.52 -10.34
CA HIS C 88 5.80 12.09 -9.89
C HIS C 88 6.66 11.94 -11.13
N GLU C 89 7.93 12.26 -10.99
CA GLU C 89 8.87 12.14 -12.09
C GLU C 89 9.29 10.68 -12.15
N HIS C 90 9.58 10.14 -10.97
CA HIS C 90 10.05 8.79 -10.84
C HIS C 90 9.96 8.42 -9.38
N ALA C 91 10.11 7.13 -9.08
CA ALA C 91 10.06 6.66 -7.71
C ALA C 91 11.48 6.36 -7.19
N GLU C 92 11.75 6.65 -5.93
CA GLU C 92 13.07 6.36 -5.37
C GLU C 92 13.00 5.52 -4.09
N VAL C 93 13.97 4.62 -3.93
CA VAL C 93 14.03 3.74 -2.77
C VAL C 93 15.45 3.54 -2.22
N VAL C 94 15.88 4.45 -1.33
CA VAL C 94 17.22 4.41 -0.73
C VAL C 94 17.31 3.69 0.62
N PHE C 95 18.06 2.60 0.61
CA PHE C 95 18.27 1.76 1.78
C PHE C 95 19.72 1.24 1.85
N THR C 96 20.06 0.62 2.97
CA THR C 96 21.38 0.01 3.20
C THR C 96 21.25 -1.50 3.02
N ALA C 97 22.31 -2.16 2.57
CA ALA C 97 22.20 -3.60 2.34
C ALA C 97 23.28 -4.41 3.03
N ASN C 98 23.03 -5.71 3.13
CA ASN C 98 23.97 -6.66 3.74
C ASN C 98 24.84 -5.90 4.69
N ASP C 99 24.12 -5.28 5.60
CA ASP C 99 24.71 -4.48 6.63
C ASP C 99 25.13 -5.41 7.75
N SER C 100 24.30 -6.43 8.00
CA SER C 100 24.60 -7.40 9.04
C SER C 100 24.42 -8.81 8.51
N GLY C 101 24.94 -9.03 7.32
CA GLY C 101 24.88 -10.36 6.74
C GLY C 101 23.93 -10.48 5.56
N PRO C 102 24.39 -11.04 4.44
CA PRO C 102 23.63 -11.25 3.21
C PRO C 102 22.17 -11.61 3.43
N ARG C 103 21.30 -10.86 2.78
CA ARG C 103 19.86 -11.05 2.87
C ARG C 103 19.35 -11.10 1.43
N ARG C 104 18.09 -11.48 1.24
CA ARG C 104 17.51 -11.53 -0.11
C ARG C 104 16.33 -10.58 -0.19
N TYR C 105 16.57 -9.43 -0.80
CA TYR C 105 15.56 -8.39 -0.90
C TYR C 105 14.49 -8.55 -1.97
N THR C 106 13.34 -7.96 -1.65
CA THR C 106 12.16 -7.97 -2.49
C THR C 106 11.54 -6.58 -2.46
N ILE C 107 11.69 -5.85 -3.56
CA ILE C 107 11.13 -4.50 -3.66
C ILE C 107 9.81 -4.52 -4.48
N ALA C 108 8.72 -4.04 -3.92
CA ALA C 108 7.50 -4.04 -4.67
C ALA C 108 7.07 -2.62 -4.79
N ALA C 109 6.32 -2.30 -5.82
CA ALA C 109 5.86 -0.95 -5.99
C ALA C 109 4.52 -0.98 -6.68
N LEU C 110 3.55 -0.32 -6.08
CA LEU C 110 2.21 -0.22 -6.63
C LEU C 110 2.05 1.23 -7.14
N LEU C 111 2.00 1.42 -8.45
CA LEU C 111 1.92 2.77 -9.03
C LEU C 111 0.56 3.40 -9.37
N SER C 112 0.38 4.65 -8.98
CA SER C 112 -0.83 5.41 -9.25
C SER C 112 -0.34 6.70 -9.94
N PRO C 113 -1.20 7.35 -10.76
CA PRO C 113 -0.70 8.57 -11.39
C PRO C 113 -0.25 9.57 -10.35
N TYR C 114 -1.08 9.82 -9.34
CA TYR C 114 -0.78 10.79 -8.28
C TYR C 114 -0.25 10.22 -6.94
N SER C 115 -0.24 8.89 -6.78
CA SER C 115 0.23 8.27 -5.51
C SER C 115 0.72 6.80 -5.60
N TYR C 116 1.99 6.57 -5.24
CA TYR C 116 2.54 5.20 -5.26
C TYR C 116 3.00 4.83 -3.86
N SER C 117 3.56 3.63 -3.71
CA SER C 117 4.06 3.16 -2.43
C SER C 117 5.11 2.08 -2.61
N THR C 118 6.00 1.90 -1.62
CA THR C 118 7.03 0.86 -1.71
C THR C 118 7.24 0.04 -0.42
N THR C 119 7.02 -1.28 -0.53
CA THR C 119 7.24 -2.19 0.57
C THR C 119 8.59 -2.89 0.36
N ALA C 120 9.04 -3.62 1.39
CA ALA C 120 10.30 -4.35 1.35
C ALA C 120 10.34 -5.59 2.27
N VAL C 121 10.29 -6.77 1.66
CA VAL C 121 10.28 -8.08 2.32
C VAL C 121 11.70 -8.68 2.53
N VAL C 122 12.29 -8.53 3.71
CA VAL C 122 13.66 -9.01 3.96
C VAL C 122 13.93 -10.44 4.48
N THR C 123 14.37 -11.36 3.58
CA THR C 123 14.64 -12.76 3.93
C THR C 123 16.13 -13.18 3.80
N CYS D 10 -1.68 28.26 3.63
CA CYS D 10 -0.52 27.36 3.88
C CYS D 10 -0.35 26.37 2.75
N PRO D 11 0.15 26.85 1.61
CA PRO D 11 0.38 26.00 0.44
C PRO D 11 1.57 25.11 0.71
N LEU D 12 1.89 24.28 -0.28
CA LEU D 12 2.97 23.32 -0.18
C LEU D 12 3.03 22.85 1.27
N MET D 13 1.87 22.41 1.79
CA MET D 13 1.83 21.85 3.14
C MET D 13 2.13 20.34 3.09
N VAL D 14 3.22 19.97 3.75
CA VAL D 14 3.57 18.57 3.80
C VAL D 14 3.02 18.03 5.10
N LYS D 15 2.64 16.76 5.06
CA LYS D 15 2.04 16.03 6.18
C LYS D 15 2.71 14.67 6.29
N VAL D 16 2.57 14.02 7.44
CA VAL D 16 3.11 12.67 7.63
C VAL D 16 2.23 11.86 8.58
N LEU D 17 2.16 10.55 8.38
CA LEU D 17 1.36 9.74 9.27
C LEU D 17 2.06 8.48 9.61
N ASP D 18 1.87 8.03 10.84
CA ASP D 18 2.41 6.75 11.27
C ASP D 18 1.25 5.79 10.93
N ALA D 19 1.61 4.56 10.60
CA ALA D 19 0.60 3.57 10.31
C ALA D 19 0.69 2.66 11.54
N VAL D 20 1.86 2.68 12.19
CA VAL D 20 2.10 1.82 13.35
C VAL D 20 1.60 2.39 14.65
N ARG D 21 1.55 3.71 14.80
CA ARG D 21 1.03 4.27 16.05
C ARG D 21 -0.19 5.13 15.72
N GLY D 22 -0.75 4.85 14.53
CA GLY D 22 -1.91 5.54 14.00
C GLY D 22 -1.92 6.93 14.56
N SER D 23 -0.82 7.61 14.34
CA SER D 23 -0.64 8.97 14.84
C SER D 23 0.27 9.71 13.89
N PRO D 24 0.26 11.04 14.00
CA PRO D 24 1.03 12.07 13.27
C PRO D 24 2.53 11.93 13.50
N ALA D 25 3.33 12.06 12.45
CA ALA D 25 4.78 11.94 12.58
C ALA D 25 5.47 13.19 13.10
N ILE D 26 5.10 13.65 14.29
CA ILE D 26 5.68 14.85 14.87
C ILE D 26 7.20 14.94 15.06
N ASN D 27 7.80 15.98 14.47
CA ASN D 27 9.24 16.20 14.58
C ASN D 27 10.07 15.52 13.50
N VAL D 28 9.40 15.28 12.38
CA VAL D 28 9.97 14.63 11.18
C VAL D 28 10.66 15.59 10.23
N ALA D 29 11.98 15.69 10.37
CA ALA D 29 12.79 16.58 9.54
C ALA D 29 12.46 16.47 8.05
N VAL D 30 12.23 17.63 7.44
CA VAL D 30 11.90 17.72 6.04
C VAL D 30 12.78 18.77 5.37
N HIS D 31 13.39 18.39 4.27
CA HIS D 31 14.24 19.29 3.50
C HIS D 31 13.74 19.26 2.05
N VAL D 32 13.61 20.44 1.46
CA VAL D 32 13.13 20.55 0.10
C VAL D 32 14.29 21.03 -0.74
N PHE D 33 14.26 20.68 -2.01
CA PHE D 33 15.34 21.07 -2.93
C PHE D 33 14.82 21.49 -4.30
N ARG D 34 15.47 22.48 -4.91
CA ARG D 34 15.05 22.97 -6.23
C ARG D 34 16.14 22.68 -7.26
N LYS D 35 15.90 21.73 -8.15
CA LYS D 35 16.87 21.41 -9.16
C LYS D 35 17.40 22.69 -9.83
N ALA D 36 18.71 22.92 -9.76
CA ALA D 36 19.32 24.09 -10.37
C ALA D 36 19.64 23.87 -11.85
N ALA D 37 20.05 24.95 -12.51
CA ALA D 37 20.41 24.96 -13.92
C ALA D 37 21.40 23.85 -14.23
N ASP D 38 22.43 23.73 -13.39
CA ASP D 38 23.46 22.71 -13.55
C ASP D 38 22.95 21.30 -13.10
N ASP D 39 21.65 21.08 -13.17
CA ASP D 39 21.08 19.80 -12.78
C ASP D 39 21.51 19.43 -11.36
N THR D 40 21.66 20.43 -10.50
CA THR D 40 22.05 20.19 -9.11
C THR D 40 21.00 20.67 -8.16
N TRP D 41 20.81 19.91 -7.10
CA TRP D 41 19.82 20.22 -6.09
C TRP D 41 20.38 21.23 -5.09
N GLU D 42 19.63 22.29 -4.86
CA GLU D 42 20.06 23.34 -3.95
C GLU D 42 18.94 23.61 -2.93
N PRO D 43 19.27 23.50 -1.64
CA PRO D 43 18.30 23.75 -0.57
C PRO D 43 17.24 24.79 -0.95
N PHE D 44 16.00 24.57 -0.52
CA PHE D 44 14.91 25.48 -0.83
C PHE D 44 14.16 25.98 0.41
N ALA D 45 14.03 25.11 1.42
CA ALA D 45 13.38 25.37 2.72
C ALA D 45 13.32 24.09 3.58
N SER D 46 13.11 24.23 4.87
CA SER D 46 13.08 23.03 5.66
C SER D 46 12.40 23.19 6.99
N GLY D 47 12.34 22.11 7.77
CA GLY D 47 11.72 22.16 9.09
C GLY D 47 11.31 20.83 9.69
N LYS D 48 10.40 20.86 10.64
CA LYS D 48 9.97 19.63 11.23
C LYS D 48 8.45 19.63 11.32
N THR D 49 7.84 18.47 11.29
CA THR D 49 6.40 18.40 11.37
C THR D 49 5.97 18.76 12.79
N SER D 50 4.90 19.57 12.90
CA SER D 50 4.37 20.00 14.20
C SER D 50 3.69 18.83 14.93
N GLU D 51 3.05 19.11 16.06
CA GLU D 51 2.35 18.10 16.85
C GLU D 51 1.31 17.33 16.04
N SER D 52 0.75 17.96 15.02
CA SER D 52 -0.28 17.35 14.19
C SER D 52 0.23 16.64 12.92
N GLY D 53 1.52 16.72 12.64
CA GLY D 53 2.06 16.04 11.46
C GLY D 53 2.01 16.79 10.13
N GLU D 54 1.88 18.12 10.17
CA GLU D 54 1.87 18.97 8.99
C GLU D 54 3.11 19.86 9.08
N LEU D 55 3.52 20.48 7.97
CA LEU D 55 4.65 21.41 7.96
C LEU D 55 4.47 22.38 6.80
N HIS D 56 3.79 23.48 7.10
CA HIS D 56 3.45 24.53 6.14
C HIS D 56 4.55 25.58 5.91
N GLY D 57 4.21 26.83 6.19
CA GLY D 57 5.14 27.94 6.03
C GLY D 57 6.49 27.66 5.39
N LEU D 58 6.53 26.85 4.33
CA LEU D 58 7.78 26.53 3.65
C LEU D 58 8.18 27.63 2.65
N THR D 59 7.23 28.01 1.77
CA THR D 59 7.48 29.04 0.76
C THR D 59 6.33 30.05 0.56
N THR D 60 6.43 30.77 -0.56
CA THR D 60 5.49 31.81 -0.97
C THR D 60 5.12 31.75 -2.45
N GLU D 61 3.92 32.22 -2.75
CA GLU D 61 3.39 32.23 -4.11
C GLU D 61 4.43 32.65 -5.12
N GLU D 62 5.16 33.72 -4.83
CA GLU D 62 6.16 34.23 -5.77
C GLU D 62 7.61 33.80 -5.64
N GLN D 63 7.88 32.79 -4.80
CA GLN D 63 9.23 32.26 -4.59
C GLN D 63 9.09 30.92 -5.29
N PHE D 64 7.92 30.35 -5.07
CA PHE D 64 7.56 29.07 -5.62
C PHE D 64 7.17 29.24 -7.09
N VAL D 65 8.15 29.03 -7.97
CA VAL D 65 7.94 29.14 -9.42
C VAL D 65 7.93 27.73 -10.05
N GLU D 66 7.46 27.62 -11.29
CA GLU D 66 7.42 26.30 -11.94
C GLU D 66 8.85 25.75 -12.03
N GLY D 67 9.01 24.43 -11.80
CA GLY D 67 10.34 23.81 -11.84
C GLY D 67 10.39 22.44 -11.20
N ILE D 68 11.60 21.94 -10.89
CA ILE D 68 11.70 20.61 -10.25
C ILE D 68 12.37 20.63 -8.87
N TYR D 69 11.56 20.46 -7.82
CA TYR D 69 12.04 20.43 -6.44
C TYR D 69 11.95 18.95 -5.98
N LYS D 70 12.43 18.63 -4.76
CA LYS D 70 12.40 17.26 -4.20
C LYS D 70 12.25 17.29 -2.66
N VAL D 71 11.27 16.55 -2.12
CA VAL D 71 10.98 16.53 -0.67
C VAL D 71 11.58 15.32 0.08
N GLU D 72 12.64 15.58 0.86
CA GLU D 72 13.35 14.54 1.59
C GLU D 72 12.86 14.20 3.01
N ILE D 73 12.39 12.96 3.20
CA ILE D 73 11.87 12.53 4.50
C ILE D 73 12.76 11.57 5.27
N ASP D 74 13.38 12.11 6.30
CA ASP D 74 14.25 11.36 7.19
C ASP D 74 13.20 10.59 8.00
N THR D 75 13.16 9.28 7.77
CA THR D 75 12.23 8.38 8.43
C THR D 75 12.94 7.48 9.46
N LYS D 76 14.18 7.08 9.15
CA LYS D 76 14.98 6.22 10.03
C LYS D 76 15.25 6.95 11.35
N SER D 77 15.51 8.25 11.27
CA SER D 77 15.73 9.01 12.49
C SER D 77 14.44 8.98 13.31
N TYR D 78 13.30 8.80 12.61
CA TYR D 78 11.97 8.76 13.23
C TYR D 78 11.58 7.39 13.80
N TRP D 79 12.20 6.32 13.29
CA TRP D 79 11.94 4.98 13.82
C TRP D 79 13.03 4.75 14.84
N LYS D 80 14.14 5.46 14.61
CA LYS D 80 15.33 5.42 15.45
C LYS D 80 15.08 5.93 16.86
N ALA D 81 14.14 6.83 17.01
CA ALA D 81 13.82 7.31 18.35
C ALA D 81 12.98 6.17 18.97
N LEU D 82 12.13 5.58 18.13
CA LEU D 82 11.23 4.50 18.48
C LEU D 82 11.83 3.09 18.64
N GLY D 83 13.13 3.01 18.83
CA GLY D 83 13.73 1.71 18.98
C GLY D 83 13.52 0.76 17.80
N ILE D 84 13.10 1.26 16.64
CA ILE D 84 12.89 0.39 15.49
C ILE D 84 13.89 0.75 14.39
N SER D 85 14.73 -0.22 13.99
CA SER D 85 15.70 0.01 12.93
C SER D 85 15.04 -0.39 11.60
N PRO D 86 14.68 0.63 10.81
CA PRO D 86 14.03 0.74 9.48
C PRO D 86 14.77 0.14 8.30
N PHE D 87 14.06 0.02 7.19
CA PHE D 87 14.64 -0.52 5.96
C PHE D 87 15.18 0.64 5.20
N HIS D 88 14.34 1.66 5.07
CA HIS D 88 14.68 2.85 4.33
C HIS D 88 15.64 3.87 4.93
N GLU D 89 16.28 4.56 4.01
CA GLU D 89 17.27 5.55 4.38
C GLU D 89 16.61 6.92 4.50
N HIS D 90 15.51 7.12 3.78
CA HIS D 90 14.83 8.41 3.78
C HIS D 90 13.77 8.37 2.67
N ALA D 91 12.66 9.08 2.85
CA ALA D 91 11.61 9.09 1.82
C ALA D 91 11.68 10.32 0.93
N GLU D 92 12.29 10.16 -0.24
CA GLU D 92 12.49 11.23 -1.22
C GLU D 92 11.22 11.50 -2.07
N VAL D 93 11.16 12.70 -2.66
CA VAL D 93 10.05 13.12 -3.51
C VAL D 93 10.42 14.11 -4.64
N VAL D 94 10.18 13.66 -5.87
CA VAL D 94 10.46 14.38 -7.10
C VAL D 94 9.17 14.60 -7.90
N PHE D 95 9.00 15.80 -8.42
CA PHE D 95 7.83 16.18 -9.21
C PHE D 95 8.15 17.54 -9.77
N THR D 96 7.44 17.96 -10.81
CA THR D 96 7.70 19.26 -11.41
C THR D 96 6.57 20.21 -11.04
N ALA D 97 6.87 21.49 -10.82
CA ALA D 97 5.85 22.48 -10.44
C ALA D 97 5.44 23.34 -11.63
N ASN D 98 4.34 22.97 -12.28
CA ASN D 98 3.84 23.71 -13.44
C ASN D 98 2.64 24.59 -13.09
N ASP D 99 2.69 25.86 -13.51
CA ASP D 99 1.58 26.79 -13.28
C ASP D 99 0.36 26.17 -13.96
N SER D 100 0.64 25.33 -14.95
CA SER D 100 -0.38 24.60 -15.71
C SER D 100 -1.79 25.00 -15.30
N GLY D 101 -2.01 25.10 -14.00
CA GLY D 101 -3.33 25.49 -13.58
C GLY D 101 -3.37 25.76 -12.08
N PRO D 102 -3.68 24.71 -11.29
CA PRO D 102 -3.80 24.68 -9.83
C PRO D 102 -2.44 24.62 -9.14
N ARG D 103 -2.25 25.48 -8.15
CA ARG D 103 -0.97 25.55 -7.45
C ARG D 103 -0.97 25.31 -5.93
N ARG D 104 -1.99 24.63 -5.43
CA ARG D 104 -2.05 24.33 -4.01
C ARG D 104 -1.61 22.87 -3.82
N TYR D 105 -0.33 22.73 -3.49
CA TYR D 105 0.30 21.41 -3.29
C TYR D 105 0.47 20.89 -1.85
N THR D 106 0.00 19.68 -1.63
CA THR D 106 0.06 19.02 -0.34
C THR D 106 0.52 17.57 -0.51
N ILE D 107 1.82 17.30 -0.36
CA ILE D 107 2.34 15.92 -0.48
C ILE D 107 2.38 15.09 0.81
N ALA D 108 1.36 14.28 1.06
CA ALA D 108 1.34 13.49 2.28
C ALA D 108 2.27 12.27 2.23
N ALA D 109 2.45 11.67 3.40
CA ALA D 109 3.29 10.50 3.55
C ALA D 109 2.81 9.57 4.70
N LEU D 110 2.74 8.27 4.42
CA LEU D 110 2.35 7.25 5.39
C LEU D 110 3.56 6.33 5.66
N LEU D 111 4.08 6.43 6.88
CA LEU D 111 5.29 5.69 7.30
C LEU D 111 5.19 4.44 8.19
N SER D 112 5.91 3.41 7.74
CA SER D 112 5.98 2.13 8.43
C SER D 112 7.44 1.73 8.24
N PRO D 113 7.97 0.93 9.17
CA PRO D 113 9.34 0.44 9.18
C PRO D 113 9.82 -0.24 7.89
N TYR D 114 8.89 -0.76 7.09
CA TYR D 114 9.29 -1.44 5.86
C TYR D 114 8.57 -1.02 4.57
N SER D 115 7.50 -0.23 4.69
CA SER D 115 6.80 0.29 3.52
C SER D 115 6.34 1.71 3.81
N TYR D 116 6.11 2.50 2.75
CA TYR D 116 5.64 3.90 2.83
C TYR D 116 4.98 4.36 1.52
N SER D 117 3.92 5.14 1.68
CA SER D 117 3.22 5.61 0.51
C SER D 117 3.00 7.11 0.56
N THR D 118 3.04 7.74 -0.62
CA THR D 118 2.81 9.16 -0.70
C THR D 118 1.75 9.45 -1.75
N THR D 119 1.16 10.65 -1.65
CA THR D 119 0.15 11.11 -2.61
C THR D 119 0.14 12.65 -2.57
N ALA D 120 -0.59 13.26 -3.49
CA ALA D 120 -0.69 14.72 -3.62
C ALA D 120 -2.14 15.09 -3.87
N VAL D 121 -2.42 16.38 -3.78
CA VAL D 121 -3.76 16.91 -4.02
C VAL D 121 -3.69 18.36 -4.59
N VAL D 122 -3.50 18.48 -5.90
CA VAL D 122 -3.35 19.77 -6.61
C VAL D 122 -4.57 20.69 -6.77
N CYS E 1 29.76 12.50 32.07
CA CYS E 1 31.02 12.39 32.88
C CYS E 1 32.15 12.84 31.97
N ALA E 2 33.27 12.12 32.05
CA ALA E 2 34.48 12.37 31.25
C ALA E 2 35.16 11.01 30.98
N VAL E 3 36.21 11.01 30.15
CA VAL E 3 36.86 9.74 29.80
C VAL E 3 38.37 9.60 30.03
N SER E 4 38.93 8.49 29.53
CA SER E 4 40.36 8.15 29.59
C SER E 4 41.07 8.38 30.95
N SER E 5 40.27 8.62 31.99
CA SER E 5 40.81 8.85 33.31
C SER E 5 41.00 7.53 34.08
N PHE E 6 40.36 6.48 33.61
CA PHE E 6 40.42 5.18 34.27
C PHE E 6 40.89 3.99 33.39
N ARG E 7 41.01 2.80 34.01
CA ARG E 7 41.49 1.58 33.34
C ARG E 7 40.51 0.68 32.60
N VAL E 8 41.02 -0.52 32.32
CA VAL E 8 40.34 -1.63 31.65
C VAL E 8 41.21 -2.86 31.92
N LYS E 9 40.62 -4.05 31.86
CA LYS E 9 41.37 -5.27 32.10
C LYS E 9 42.73 -5.38 31.37
N GLU E 10 43.74 -5.86 32.08
CA GLU E 10 45.11 -6.02 31.57
C GLU E 10 45.16 -7.29 30.72
N ASN E 11 45.99 -7.30 29.68
CA ASN E 11 46.07 -8.48 28.83
C ASN E 11 44.84 -9.38 28.95
N PHE E 12 43.66 -8.78 29.09
CA PHE E 12 42.45 -9.58 29.23
C PHE E 12 42.44 -10.69 28.18
N ASP E 13 42.22 -11.94 28.59
CA ASP E 13 42.16 -13.00 27.58
C ASP E 13 40.74 -13.32 27.18
N LYS E 14 40.38 -12.98 25.95
CA LYS E 14 39.05 -13.24 25.46
C LYS E 14 38.62 -14.71 25.63
N ALA E 15 39.55 -15.64 25.44
CA ALA E 15 39.30 -17.08 25.54
C ALA E 15 38.96 -17.53 26.96
N ARG E 16 39.28 -16.71 27.96
CA ARG E 16 38.98 -17.05 29.35
C ARG E 16 37.95 -16.11 29.93
N PHE E 17 37.15 -15.56 29.01
CA PHE E 17 36.08 -14.64 29.32
C PHE E 17 34.89 -15.30 28.62
N SER E 18 35.18 -15.91 27.46
CA SER E 18 34.21 -16.60 26.63
C SER E 18 32.85 -16.98 27.25
N GLY E 19 32.87 -17.70 28.36
CA GLY E 19 31.66 -18.17 29.02
C GLY E 19 30.47 -17.27 29.43
N THR E 20 29.28 -17.87 29.44
CA THR E 20 28.07 -17.16 29.81
C THR E 20 28.27 -16.12 30.90
N TRP E 21 27.60 -14.98 30.74
CA TRP E 21 27.67 -13.90 31.70
C TRP E 21 26.26 -13.38 31.98
N TYR E 22 25.92 -13.29 33.25
CA TYR E 22 24.59 -12.85 33.66
C TYR E 22 24.57 -11.39 34.10
N ALA E 23 23.75 -10.58 33.44
CA ALA E 23 23.64 -9.17 33.81
C ALA E 23 23.17 -9.11 35.26
N MET E 24 23.29 -7.94 35.89
CA MET E 24 22.90 -7.83 37.31
C MET E 24 22.64 -6.40 37.68
N ALA E 25 23.24 -5.49 36.92
CA ALA E 25 23.05 -4.08 37.19
C ALA E 25 23.47 -3.45 35.89
N LYS E 26 22.75 -2.38 35.49
CA LYS E 26 23.01 -1.65 34.25
C LYS E 26 23.36 -0.19 34.43
N LYS E 27 23.02 0.59 33.42
CA LYS E 27 23.24 2.03 33.37
C LYS E 27 22.11 2.53 32.47
N ASP E 28 21.73 3.80 32.62
CA ASP E 28 20.65 4.38 31.84
C ASP E 28 21.06 5.29 30.64
N PRO E 29 21.78 4.71 29.66
CA PRO E 29 22.18 5.54 28.53
C PRO E 29 20.96 6.02 27.74
N GLU E 30 20.98 7.30 27.33
CA GLU E 30 19.87 7.92 26.59
C GLU E 30 19.24 7.10 25.49
N GLY E 31 17.90 7.01 25.52
CA GLY E 31 17.17 6.28 24.50
C GLY E 31 16.90 4.82 24.86
N LEU E 32 15.87 4.22 24.25
CA LEU E 32 15.54 2.82 24.51
C LEU E 32 16.83 1.99 24.61
N PHE E 33 16.76 0.90 25.37
CA PHE E 33 17.90 0.00 25.61
C PHE E 33 17.36 -1.36 26.05
N LEU E 34 18.28 -2.30 26.30
CA LEU E 34 17.95 -3.67 26.72
C LEU E 34 17.29 -3.75 28.08
N GLN E 35 16.09 -4.30 28.09
CA GLN E 35 15.28 -4.43 29.32
C GLN E 35 15.87 -5.30 30.44
N ASP E 36 15.20 -6.44 30.65
CA ASP E 36 15.53 -7.43 31.65
C ASP E 36 15.82 -8.82 31.02
N ASN E 37 16.06 -9.82 31.86
CA ASN E 37 16.39 -11.15 31.34
C ASN E 37 17.41 -10.87 30.25
N ILE E 38 18.56 -10.34 30.67
CA ILE E 38 19.65 -9.99 29.78
C ILE E 38 20.79 -11.01 29.90
N VAL E 39 20.84 -11.94 28.97
CA VAL E 39 21.89 -12.92 29.07
C VAL E 39 22.82 -13.00 27.87
N ALA E 40 24.12 -12.91 28.17
CA ALA E 40 25.19 -12.97 27.20
C ALA E 40 25.36 -14.32 26.52
N GLU E 41 26.61 -14.52 26.13
CA GLU E 41 27.04 -15.71 25.44
C GLU E 41 28.14 -15.18 24.53
N PHE E 42 29.38 -15.27 25.02
CA PHE E 42 30.54 -14.78 24.29
C PHE E 42 31.37 -15.90 23.66
N SER E 43 31.34 -15.98 22.33
CA SER E 43 32.08 -16.98 21.56
C SER E 43 33.33 -16.31 20.89
N VAL E 44 34.21 -17.12 20.30
CA VAL E 44 35.43 -16.63 19.63
C VAL E 44 35.42 -16.92 18.13
N ASP E 45 36.24 -17.89 17.74
CA ASP E 45 36.36 -18.35 16.35
C ASP E 45 37.76 -18.25 15.74
N GLU E 46 38.50 -19.36 15.83
CA GLU E 46 39.85 -19.46 15.29
C GLU E 46 40.55 -18.12 15.07
N THR E 47 40.18 -17.41 14.02
CA THR E 47 40.80 -16.13 13.71
C THR E 47 41.16 -15.39 15.01
N GLY E 48 40.15 -15.16 15.83
CA GLY E 48 40.36 -14.46 17.10
C GLY E 48 39.16 -13.58 17.44
N GLN E 49 38.33 -13.34 16.43
CA GLN E 49 37.15 -12.52 16.61
C GLN E 49 36.37 -12.97 17.84
N MET E 50 36.22 -12.06 18.79
CA MET E 50 35.50 -12.33 20.02
C MET E 50 34.02 -12.00 19.81
N SER E 51 33.18 -12.99 19.52
CA SER E 51 31.77 -12.67 19.32
C SER E 51 31.02 -12.49 20.62
N ALA E 52 29.70 -12.62 20.52
CA ALA E 52 28.81 -12.47 21.67
C ALA E 52 27.41 -12.36 21.09
N THR E 53 26.38 -12.79 21.84
CA THR E 53 25.02 -12.71 21.32
C THR E 53 23.92 -12.62 22.36
N ALA E 54 23.92 -11.54 23.15
CA ALA E 54 22.93 -11.36 24.23
C ALA E 54 21.44 -11.11 23.91
N LYS E 55 20.59 -11.92 24.58
CA LYS E 55 19.13 -11.86 24.46
C LYS E 55 18.59 -10.86 25.49
N GLY E 56 17.31 -10.56 25.42
CA GLY E 56 16.76 -9.60 26.37
C GLY E 56 15.31 -9.22 26.07
N ARG E 57 14.75 -8.37 26.91
CA ARG E 57 13.38 -7.94 26.72
C ARG E 57 13.45 -6.45 26.62
N VAL E 58 12.77 -5.91 25.61
CA VAL E 58 12.76 -4.48 25.34
C VAL E 58 11.38 -3.79 25.28
N ARG E 59 11.36 -2.56 25.79
CA ARG E 59 10.19 -1.69 25.90
C ARG E 59 9.58 -1.19 24.61
N LEU E 60 10.14 -1.67 23.51
CA LEU E 60 9.74 -1.28 22.16
C LEU E 60 8.32 -0.88 21.78
N LEU E 61 8.24 0.30 21.18
CA LEU E 61 7.00 0.88 20.67
C LEU E 61 5.79 1.07 21.55
N ASN E 62 5.92 1.74 22.69
CA ASN E 62 4.75 1.99 23.51
C ASN E 62 4.36 0.92 24.54
N ASN E 63 3.75 -0.15 24.04
CA ASN E 63 3.25 -1.25 24.86
C ASN E 63 3.29 -2.59 24.12
N TRP E 64 4.41 -2.88 23.47
CA TRP E 64 4.59 -4.11 22.71
C TRP E 64 5.89 -4.81 23.10
N ASP E 65 5.87 -5.53 24.22
CA ASP E 65 7.04 -6.24 24.71
C ASP E 65 7.52 -7.36 23.79
N VAL E 66 8.79 -7.32 23.41
CA VAL E 66 9.39 -8.35 22.56
C VAL E 66 10.74 -8.76 23.13
N CYS E 67 10.97 -10.06 23.23
CA CYS E 67 12.25 -10.56 23.76
C CYS E 67 13.21 -10.56 22.59
N ALA E 68 13.99 -9.49 22.51
CA ALA E 68 14.95 -9.29 21.44
C ALA E 68 16.14 -10.24 21.45
N ASP E 69 16.50 -10.74 20.27
CA ASP E 69 17.62 -11.64 20.12
C ASP E 69 18.69 -10.90 19.32
N MET E 70 19.73 -10.44 20.01
CA MET E 70 20.81 -9.70 19.36
C MET E 70 21.90 -10.55 18.71
N VAL E 71 23.10 -9.98 18.73
CA VAL E 71 24.32 -10.55 18.18
C VAL E 71 25.25 -9.38 17.90
N GLY E 72 26.50 -9.52 18.31
CA GLY E 72 27.46 -8.46 18.11
C GLY E 72 28.87 -8.96 17.92
N THR E 73 29.53 -8.46 16.87
CA THR E 73 30.90 -8.83 16.56
C THR E 73 31.84 -7.82 17.19
N PHE E 74 33.08 -8.23 17.40
CA PHE E 74 34.04 -7.34 18.00
C PHE E 74 35.31 -7.24 17.16
N THR E 75 35.88 -6.02 17.11
CA THR E 75 37.10 -5.69 16.35
C THR E 75 38.15 -5.05 17.29
N ASP E 76 39.31 -5.71 17.39
CA ASP E 76 40.40 -5.28 18.25
C ASP E 76 40.76 -3.81 18.33
N THR E 77 41.92 -3.56 18.93
CA THR E 77 42.49 -2.21 19.07
C THR E 77 43.91 -2.29 19.63
N GLU E 78 44.23 -1.39 20.55
CA GLU E 78 45.57 -1.37 21.11
C GLU E 78 45.64 -2.02 22.49
N ASP E 79 44.65 -1.75 23.36
CA ASP E 79 44.63 -2.34 24.70
C ASP E 79 43.64 -3.50 24.70
N PRO E 80 44.16 -4.73 24.69
CA PRO E 80 43.34 -5.94 24.69
C PRO E 80 41.95 -5.80 25.34
N ALA E 81 41.78 -4.76 26.17
CA ALA E 81 40.53 -4.49 26.91
C ALA E 81 39.41 -4.01 25.99
N LYS E 82 39.60 -2.81 25.45
CA LYS E 82 38.63 -2.18 24.56
C LYS E 82 38.55 -2.89 23.21
N PHE E 83 37.37 -2.87 22.61
CA PHE E 83 37.11 -3.51 21.31
C PHE E 83 36.29 -2.59 20.44
N LYS E 84 35.62 -3.15 19.43
CA LYS E 84 34.82 -2.34 18.52
C LYS E 84 33.65 -3.18 18.04
N MET E 85 32.61 -3.29 18.86
CA MET E 85 31.48 -4.11 18.49
C MET E 85 30.38 -3.45 17.71
N LYS E 86 30.00 -4.11 16.62
CA LYS E 86 28.90 -3.62 15.83
C LYS E 86 27.84 -4.67 16.10
N TYR E 87 26.72 -4.21 16.65
CA TYR E 87 25.60 -5.05 17.02
C TYR E 87 24.39 -4.90 16.10
N TRP E 88 23.73 -6.02 15.82
CA TRP E 88 22.54 -6.04 14.96
C TRP E 88 21.57 -7.12 15.39
N GLY E 89 20.31 -6.92 15.07
CA GLY E 89 19.27 -7.88 15.44
C GLY E 89 19.07 -9.03 14.47
N VAL E 90 19.13 -10.24 15.01
CA VAL E 90 18.92 -11.44 14.21
C VAL E 90 17.71 -11.09 13.41
N ALA E 91 17.01 -10.06 13.88
CA ALA E 91 15.79 -9.59 13.21
C ALA E 91 15.82 -8.09 13.04
N SER E 92 15.30 -7.64 11.89
CA SER E 92 15.22 -6.21 11.58
C SER E 92 14.58 -5.43 12.72
N PHE E 93 14.13 -4.23 12.40
CA PHE E 93 13.49 -3.38 13.41
C PHE E 93 14.23 -3.36 14.75
N LEU E 94 15.41 -3.98 14.83
CA LEU E 94 16.12 -4.02 16.10
C LEU E 94 17.35 -3.15 16.15
N GLN E 95 17.15 -1.90 16.58
CA GLN E 95 18.22 -0.93 16.74
C GLN E 95 19.59 -1.58 16.57
N LYS E 96 20.25 -1.32 15.44
CA LYS E 96 21.58 -1.87 15.18
C LYS E 96 22.59 -0.73 15.20
N GLY E 97 23.72 -0.93 15.88
CA GLY E 97 24.70 0.14 15.93
C GLY E 97 26.09 -0.35 16.18
N ASN E 98 26.96 0.59 16.57
CA ASN E 98 28.37 0.33 16.83
C ASN E 98 28.78 1.11 18.08
N ASP E 99 29.01 0.41 19.20
CA ASP E 99 29.39 1.14 20.39
C ASP E 99 30.71 0.68 20.90
N ASP E 100 31.38 1.57 21.60
CA ASP E 100 32.65 1.20 22.17
C ASP E 100 32.33 0.28 23.33
N HIS E 101 33.08 -0.81 23.39
CA HIS E 101 32.84 -1.84 24.34
C HIS E 101 34.04 -2.30 25.11
N TRP E 102 34.42 -1.56 26.15
CA TRP E 102 35.58 -1.95 26.95
C TRP E 102 35.37 -3.26 27.71
N ILE E 103 35.85 -3.26 28.95
CA ILE E 103 35.79 -4.39 29.87
C ILE E 103 36.59 -3.87 31.08
N VAL E 104 35.92 -3.03 31.88
CA VAL E 104 36.51 -2.38 33.04
C VAL E 104 37.09 -3.20 34.18
N ASP E 105 37.18 -4.50 33.96
CA ASP E 105 37.75 -5.47 34.90
C ASP E 105 37.10 -6.85 34.77
N THR E 106 37.34 -7.71 35.73
CA THR E 106 36.78 -9.05 35.71
C THR E 106 37.79 -10.04 36.28
N ASP E 107 37.45 -11.30 36.13
CA ASP E 107 38.24 -12.42 36.58
C ASP E 107 37.51 -13.60 35.96
N TYR E 108 37.12 -13.38 34.70
CA TYR E 108 36.41 -14.34 33.86
C TYR E 108 35.71 -15.50 34.59
N ASP E 109 35.62 -15.37 35.91
CA ASP E 109 34.98 -16.40 36.75
C ASP E 109 34.01 -15.75 37.74
N THR E 110 32.92 -15.19 37.23
CA THR E 110 31.91 -14.54 38.05
C THR E 110 32.29 -13.10 38.40
N TYR E 111 31.59 -12.13 37.81
CA TYR E 111 31.84 -10.73 38.12
C TYR E 111 32.81 -9.90 37.26
N ALA E 112 32.39 -9.54 36.04
CA ALA E 112 33.19 -8.72 35.11
C ALA E 112 32.42 -7.48 34.65
N VAL E 113 33.06 -6.31 34.77
CA VAL E 113 32.42 -5.07 34.35
C VAL E 113 32.37 -4.85 32.85
N GLN E 114 31.89 -3.68 32.46
CA GLN E 114 31.78 -3.33 31.06
C GLN E 114 31.41 -1.87 30.98
N TYR E 115 32.01 -1.15 30.02
CA TYR E 115 31.69 0.27 29.83
C TYR E 115 31.47 0.68 28.39
N SER E 116 30.97 1.91 28.22
CA SER E 116 30.71 2.43 26.89
C SER E 116 30.04 3.82 26.75
N CYS E 117 30.87 4.82 26.41
CA CYS E 117 30.50 6.24 26.18
C CYS E 117 30.47 6.55 24.67
N ARG E 118 29.31 6.88 24.11
CA ARG E 118 29.23 7.24 22.67
C ARG E 118 28.76 8.67 22.53
N LEU E 119 29.49 9.53 23.21
CA LEU E 119 29.26 10.97 23.18
C LEU E 119 30.15 11.51 24.29
N LEU E 120 31.04 12.41 23.86
CA LEU E 120 32.02 13.08 24.71
C LEU E 120 31.61 14.52 25.02
N ASN E 121 31.82 14.89 26.28
CA ASN E 121 31.47 16.21 26.83
C ASN E 121 32.37 17.34 26.34
N LEU E 122 31.79 18.53 26.21
CA LEU E 122 32.51 19.70 25.76
C LEU E 122 34.02 19.45 25.89
N ASP E 123 34.55 18.62 25.00
CA ASP E 123 35.96 18.28 25.03
C ASP E 123 36.40 18.04 26.45
N GLY E 124 35.43 17.98 27.36
CA GLY E 124 35.74 17.67 28.74
C GLY E 124 36.21 16.25 28.63
N THR E 125 35.34 15.38 28.09
CA THR E 125 35.68 13.97 27.90
C THR E 125 34.52 12.94 27.74
N CYS E 126 33.54 12.92 28.63
CA CYS E 126 32.43 11.96 28.47
C CYS E 126 31.02 12.33 28.89
N ALA E 127 30.15 12.37 27.89
CA ALA E 127 28.74 12.67 28.10
C ALA E 127 28.03 11.37 28.40
N ASP E 128 27.12 10.97 27.54
CA ASP E 128 26.37 9.72 27.73
C ASP E 128 27.23 8.45 27.69
N SER E 129 26.66 7.36 28.21
CA SER E 129 27.32 6.06 28.26
C SER E 129 26.33 4.89 28.36
N TYR E 130 26.61 3.96 29.26
CA TYR E 130 25.76 2.80 29.47
C TYR E 130 26.80 1.83 29.98
N SER E 131 26.38 0.98 30.92
CA SER E 131 27.27 0.02 31.58
C SER E 131 26.47 -1.15 32.13
N PHE E 132 27.10 -2.33 32.17
CA PHE E 132 26.49 -3.56 32.69
C PHE E 132 27.40 -4.15 33.77
N VAL E 133 26.84 -4.91 34.71
CA VAL E 133 27.64 -5.55 35.77
C VAL E 133 27.46 -7.06 35.75
N PHE E 134 28.37 -7.80 35.12
CA PHE E 134 28.23 -9.25 34.99
C PHE E 134 28.84 -10.14 36.09
N SER E 135 28.42 -11.41 36.09
CA SER E 135 28.85 -12.45 37.03
C SER E 135 28.34 -13.74 36.39
N ARG E 136 29.02 -14.87 36.60
CA ARG E 136 28.58 -16.09 35.90
C ARG E 136 27.44 -16.92 36.49
N ASP E 137 27.11 -16.65 37.76
CA ASP E 137 25.98 -17.31 38.41
C ASP E 137 24.89 -16.28 38.71
N PRO E 138 23.70 -16.46 38.14
CA PRO E 138 22.56 -15.55 38.31
C PRO E 138 22.02 -15.32 39.72
N ASN E 139 22.70 -15.83 40.74
CA ASN E 139 22.22 -15.67 42.12
C ASN E 139 22.99 -14.66 42.95
N GLY E 140 23.98 -14.00 42.35
CA GLY E 140 24.75 -13.01 43.09
C GLY E 140 26.21 -13.37 43.35
N LEU E 141 27.02 -12.33 43.52
CA LEU E 141 28.45 -12.50 43.76
C LEU E 141 28.81 -12.49 45.24
N PRO E 142 29.93 -13.14 45.56
CA PRO E 142 30.56 -13.31 46.88
C PRO E 142 30.77 -11.96 47.51
N PRO E 143 31.13 -11.93 48.79
CA PRO E 143 31.33 -10.61 49.39
C PRO E 143 32.54 -9.84 48.85
N GLU E 144 33.40 -10.54 48.13
CA GLU E 144 34.60 -9.91 47.59
C GLU E 144 34.32 -9.13 46.30
N ALA E 145 33.90 -9.86 45.28
CA ALA E 145 33.60 -9.29 43.97
C ALA E 145 32.70 -8.09 44.08
N GLN E 146 31.58 -8.19 44.77
CA GLN E 146 30.67 -7.05 44.88
C GLN E 146 31.38 -5.94 45.65
N LYS E 147 32.53 -6.26 46.25
CA LYS E 147 33.32 -5.23 46.98
C LYS E 147 33.94 -4.39 45.87
N ILE E 148 34.56 -5.07 44.91
CA ILE E 148 35.21 -4.46 43.76
C ILE E 148 34.21 -3.84 42.79
N VAL E 149 33.17 -4.61 42.45
CA VAL E 149 32.12 -4.12 41.55
C VAL E 149 31.36 -3.01 42.25
N ALA E 150 32.04 -2.36 43.20
CA ALA E 150 31.47 -1.26 43.96
C ALA E 150 32.58 -0.24 44.14
N GLN E 151 33.80 -0.64 43.77
CA GLN E 151 35.00 0.20 43.84
C GLN E 151 35.15 0.74 42.44
N ARG E 152 34.94 -0.14 41.47
CA ARG E 152 35.05 0.17 40.06
C ARG E 152 33.87 0.94 39.46
N GLN E 153 32.92 1.32 40.28
CA GLN E 153 31.83 2.10 39.74
C GLN E 153 32.07 3.54 40.19
N GLU E 154 33.25 3.76 40.82
CA GLU E 154 33.72 5.10 41.26
C GLU E 154 35.08 5.42 40.63
N GLU E 155 35.60 4.47 39.86
CA GLU E 155 36.88 4.58 39.17
C GLU E 155 36.52 4.55 37.70
N LEU E 156 35.30 4.06 37.45
CA LEU E 156 34.66 3.90 36.13
C LEU E 156 33.68 5.05 35.86
N CYS E 157 34.17 6.28 35.90
CA CYS E 157 33.36 7.47 35.67
C CYS E 157 31.86 7.21 35.86
N LEU E 158 31.34 6.19 35.18
CA LEU E 158 29.91 5.85 35.23
C LEU E 158 29.65 4.36 35.00
N ALA E 159 30.26 3.52 35.84
CA ALA E 159 30.12 2.06 35.75
C ALA E 159 28.75 1.44 36.06
N ALA E 160 28.49 1.13 37.33
CA ALA E 160 27.23 0.47 37.73
C ALA E 160 26.17 1.28 38.48
N GLN E 161 25.03 1.45 37.82
CA GLN E 161 23.89 2.15 38.36
C GLN E 161 23.01 1.05 38.91
N TYR E 162 22.79 0.09 38.05
CA TYR E 162 21.95 -1.03 38.41
C TYR E 162 20.50 -0.63 38.49
N ARG E 163 19.86 -0.68 37.33
CA ARG E 163 18.44 -0.43 37.20
C ARG E 163 18.00 -1.86 37.49
N LEU E 164 16.70 -2.09 37.56
CA LEU E 164 16.22 -3.43 37.83
C LEU E 164 16.51 -4.44 36.73
N ILE E 165 17.74 -4.92 36.63
CA ILE E 165 18.05 -5.92 35.60
C ILE E 165 17.40 -7.16 36.21
N VAL E 166 16.16 -7.41 35.81
CA VAL E 166 15.39 -8.50 36.38
C VAL E 166 15.34 -9.78 35.58
N HIS E 167 15.89 -10.85 36.16
CA HIS E 167 15.88 -12.15 35.52
C HIS E 167 14.63 -12.83 36.03
N ASN E 168 13.94 -13.53 35.15
CA ASN E 168 12.71 -14.21 35.53
C ASN E 168 12.20 -15.16 34.45
N GLY E 169 12.96 -16.21 34.16
CA GLY E 169 12.55 -17.18 33.15
C GLY E 169 11.53 -16.52 32.26
N TYR E 170 11.99 -15.58 31.43
CA TYR E 170 11.10 -14.82 30.54
C TYR E 170 11.01 -15.09 29.05
N CYS E 171 12.14 -15.18 28.37
CA CYS E 171 12.08 -15.39 26.95
C CYS E 171 11.90 -16.84 26.56
N ASP E 172 10.94 -17.53 27.18
CA ASP E 172 10.75 -18.92 26.81
C ASP E 172 10.25 -18.93 25.36
N GLY E 173 10.23 -20.12 24.79
CA GLY E 173 9.79 -20.26 23.41
C GLY E 173 8.75 -21.35 23.35
N ARG E 174 8.81 -22.25 24.32
CA ARG E 174 7.89 -23.37 24.36
C ARG E 174 6.44 -23.01 24.63
N SER E 175 6.24 -21.79 25.12
CA SER E 175 4.89 -21.28 25.40
C SER E 175 4.81 -19.76 25.25
N GLU E 176 5.53 -19.22 24.24
CA GLU E 176 5.57 -17.77 23.96
C GLU E 176 5.72 -16.99 25.27
N ARG E 177 4.74 -17.16 26.15
CA ARG E 177 4.70 -16.53 27.47
C ARG E 177 4.49 -15.00 27.30
N ASN E 178 5.29 -14.37 26.44
CA ASN E 178 5.16 -12.91 26.20
C ASN E 178 6.00 -12.44 24.99
N LEU E 179 5.46 -12.60 23.79
CA LEU E 179 6.19 -12.19 22.60
C LEU E 179 5.89 -13.11 21.42
N LEU E 180 6.47 -12.77 20.28
CA LEU E 180 6.30 -13.53 19.06
C LEU E 180 5.23 -14.58 19.19
N CYS F 1 -41.87 9.30 -26.64
CA CYS F 1 -41.21 8.14 -25.97
C CYS F 1 -42.29 7.06 -25.83
N ALA F 2 -41.90 5.91 -25.24
CA ALA F 2 -42.77 4.75 -25.02
C ALA F 2 -42.08 3.41 -25.35
N VAL F 3 -40.76 3.39 -25.14
CA VAL F 3 -39.90 2.24 -25.43
C VAL F 3 -40.59 0.98 -25.95
N SER F 4 -41.56 0.45 -25.23
CA SER F 4 -42.20 -0.73 -25.77
C SER F 4 -42.99 -0.31 -27.00
N SER F 5 -43.64 -1.29 -27.63
CA SER F 5 -44.46 -1.10 -28.82
C SER F 5 -43.81 -0.31 -29.96
N PHE F 6 -42.51 -0.06 -29.85
CA PHE F 6 -41.81 0.67 -30.91
C PHE F 6 -41.61 -0.23 -32.14
N ARG F 7 -42.40 -1.30 -32.22
CA ARG F 7 -42.31 -2.20 -33.36
C ARG F 7 -40.88 -2.13 -33.92
N VAL F 8 -40.09 -3.19 -33.67
CA VAL F 8 -38.71 -3.21 -34.12
C VAL F 8 -38.50 -4.05 -35.37
N LYS F 9 -37.31 -3.94 -35.97
CA LYS F 9 -36.98 -4.69 -37.16
C LYS F 9 -37.89 -5.88 -37.19
N GLU F 10 -38.25 -6.30 -38.39
CA GLU F 10 -39.13 -7.45 -38.55
C GLU F 10 -38.37 -8.77 -38.54
N ASN F 11 -38.79 -9.66 -39.42
CA ASN F 11 -38.17 -10.95 -39.54
C ASN F 11 -36.67 -10.82 -39.45
N PHE F 12 -36.18 -10.12 -38.44
CA PHE F 12 -34.76 -9.95 -38.30
C PHE F 12 -34.10 -11.21 -38.87
N ASP F 13 -32.78 -11.20 -38.98
CA ASP F 13 -32.04 -12.34 -39.48
C ASP F 13 -30.61 -12.09 -39.11
N LYS F 14 -30.27 -12.54 -37.92
CA LYS F 14 -28.95 -12.39 -37.34
C LYS F 14 -27.84 -12.37 -38.37
N ALA F 15 -27.53 -13.55 -38.89
CA ALA F 15 -26.50 -13.73 -39.89
C ALA F 15 -26.41 -12.57 -40.89
N ARG F 16 -27.48 -12.32 -41.64
CA ARG F 16 -27.48 -11.26 -42.63
C ARG F 16 -27.08 -9.90 -42.07
N PHE F 17 -27.11 -9.77 -40.76
CA PHE F 17 -26.73 -8.53 -40.05
C PHE F 17 -25.34 -8.81 -39.38
N SER F 18 -24.62 -9.78 -39.92
CA SER F 18 -23.33 -10.18 -39.38
C SER F 18 -22.14 -9.63 -40.15
N GLY F 19 -22.33 -8.52 -40.84
CA GLY F 19 -21.22 -7.93 -41.57
C GLY F 19 -20.42 -7.01 -40.66
N THR F 20 -20.16 -5.81 -41.18
CA THR F 20 -19.46 -4.81 -40.41
C THR F 20 -20.33 -3.62 -40.52
N TRP F 21 -20.34 -2.81 -39.46
CA TRP F 21 -21.12 -1.60 -39.41
C TRP F 21 -20.31 -0.46 -38.82
N TYR F 22 -20.68 0.72 -39.27
CA TYR F 22 -20.03 1.93 -38.83
C TYR F 22 -21.02 2.89 -38.16
N ALA F 23 -20.49 3.72 -37.27
CA ALA F 23 -21.30 4.72 -36.58
C ALA F 23 -21.62 5.83 -37.57
N MET F 24 -22.48 6.77 -37.17
CA MET F 24 -22.85 7.89 -38.03
C MET F 24 -23.58 8.97 -37.24
N ALA F 25 -24.20 8.57 -36.15
CA ALA F 25 -24.92 9.51 -35.33
C ALA F 25 -24.76 9.06 -33.90
N LYS F 26 -25.63 9.53 -33.02
CA LYS F 26 -25.50 9.09 -31.65
C LYS F 26 -26.47 9.82 -30.74
N LYS F 27 -26.98 9.10 -29.76
CA LYS F 27 -27.84 9.73 -28.77
C LYS F 27 -27.02 9.79 -27.51
N ASP F 28 -27.17 10.88 -26.78
CA ASP F 28 -26.38 10.95 -25.58
C ASP F 28 -27.06 10.39 -24.36
N PRO F 29 -26.64 9.18 -23.97
CA PRO F 29 -27.23 8.59 -22.78
C PRO F 29 -26.58 9.36 -21.64
N GLU F 30 -27.09 9.20 -20.43
CA GLU F 30 -26.53 9.89 -19.30
C GLU F 30 -25.22 9.18 -18.91
N GLY F 31 -24.19 9.96 -18.59
CA GLY F 31 -22.90 9.39 -18.21
C GLY F 31 -21.79 9.42 -19.25
N LEU F 32 -20.82 8.52 -19.09
CA LEU F 32 -19.69 8.42 -20.00
C LEU F 32 -19.84 7.24 -20.96
N PHE F 33 -20.04 7.56 -22.23
CA PHE F 33 -20.22 6.58 -23.31
C PHE F 33 -19.00 6.53 -24.23
N LEU F 34 -19.17 5.89 -25.38
CA LEU F 34 -18.08 5.85 -26.32
C LEU F 34 -17.94 7.27 -26.89
N GLN F 35 -16.86 7.52 -27.63
CA GLN F 35 -16.66 8.85 -28.17
C GLN F 35 -16.68 9.02 -29.69
N ASP F 36 -15.74 8.38 -30.38
CA ASP F 36 -15.67 8.49 -31.83
C ASP F 36 -14.88 7.32 -32.38
N ASN F 37 -14.94 7.15 -33.70
CA ASN F 37 -14.25 6.04 -34.34
C ASN F 37 -14.88 4.77 -33.75
N ILE F 38 -16.21 4.81 -33.77
CA ILE F 38 -17.14 3.83 -33.25
C ILE F 38 -17.54 2.69 -34.20
N VAL F 39 -16.64 1.76 -34.50
CA VAL F 39 -17.04 0.68 -35.40
C VAL F 39 -17.45 -0.57 -34.64
N ALA F 40 -18.18 -1.47 -35.31
CA ALA F 40 -18.64 -2.72 -34.70
C ALA F 40 -18.64 -3.92 -35.65
N GLU F 41 -18.15 -5.04 -35.15
CA GLU F 41 -18.10 -6.29 -35.93
C GLU F 41 -19.03 -7.36 -35.35
N PHE F 42 -20.08 -7.62 -36.11
CA PHE F 42 -21.10 -8.58 -35.76
C PHE F 42 -20.70 -9.98 -36.25
N SER F 43 -20.62 -10.93 -35.32
CA SER F 43 -20.29 -12.32 -35.65
C SER F 43 -21.49 -13.22 -35.31
N VAL F 44 -21.20 -14.51 -35.13
CA VAL F 44 -22.23 -15.49 -34.81
C VAL F 44 -21.57 -16.87 -34.74
N ASP F 45 -21.98 -17.66 -33.74
CA ASP F 45 -21.43 -19.00 -33.54
C ASP F 45 -22.45 -20.13 -33.52
N GLU F 46 -22.39 -20.97 -34.56
CA GLU F 46 -23.27 -22.13 -34.71
C GLU F 46 -24.46 -22.10 -33.77
N THR F 47 -24.16 -22.10 -32.48
CA THR F 47 -25.18 -22.08 -31.44
C THR F 47 -26.37 -21.14 -31.70
N GLY F 48 -26.10 -20.04 -32.42
CA GLY F 48 -27.12 -19.04 -32.72
C GLY F 48 -26.91 -17.74 -31.97
N GLN F 49 -25.87 -17.70 -31.15
CA GLN F 49 -25.50 -16.54 -30.33
C GLN F 49 -24.95 -15.40 -31.18
N MET F 50 -25.73 -14.34 -31.33
CA MET F 50 -25.31 -13.17 -32.11
C MET F 50 -24.43 -12.27 -31.25
N SER F 51 -23.13 -12.28 -31.54
CA SER F 51 -22.18 -11.47 -30.80
C SER F 51 -22.01 -10.14 -31.53
N ALA F 52 -21.03 -9.36 -31.10
CA ALA F 52 -20.74 -8.07 -31.71
C ALA F 52 -19.68 -7.34 -30.92
N THR F 53 -18.53 -7.14 -31.57
CA THR F 53 -17.37 -6.51 -30.98
C THR F 53 -17.17 -5.09 -31.47
N ALA F 54 -17.53 -4.11 -30.64
CA ALA F 54 -17.37 -2.70 -30.97
C ALA F 54 -15.90 -2.21 -30.90
N LYS F 55 -15.66 -0.97 -31.32
CA LYS F 55 -14.33 -0.37 -31.29
C LYS F 55 -14.62 1.10 -31.09
N GLY F 56 -13.96 1.74 -30.11
CA GLY F 56 -14.20 3.16 -29.88
C GLY F 56 -13.36 3.93 -28.85
N ARG F 57 -13.40 5.26 -28.97
CA ARG F 57 -12.65 6.16 -28.09
C ARG F 57 -13.59 6.91 -27.14
N VAL F 58 -13.26 6.86 -25.85
CA VAL F 58 -14.06 7.55 -24.85
C VAL F 58 -13.22 8.38 -23.91
N ARG F 59 -13.80 9.53 -23.56
CA ARG F 59 -13.22 10.52 -22.66
C ARG F 59 -13.08 9.94 -21.26
N LEU F 60 -12.16 9.00 -21.10
CA LEU F 60 -12.00 8.40 -19.80
C LEU F 60 -11.24 9.38 -18.94
N LEU F 61 -11.61 9.44 -17.66
CA LEU F 61 -10.95 10.27 -16.67
C LEU F 61 -10.42 11.61 -17.19
N ASN F 62 -11.14 12.67 -16.83
CA ASN F 62 -10.81 14.04 -17.21
C ASN F 62 -10.10 14.36 -18.54
N ASN F 63 -8.91 13.82 -18.74
CA ASN F 63 -8.17 14.06 -19.97
C ASN F 63 -7.98 12.72 -20.63
N TRP F 64 -6.90 12.07 -20.22
CA TRP F 64 -6.51 10.79 -20.74
C TRP F 64 -7.52 10.34 -21.76
N ASP F 65 -7.02 9.76 -22.84
CA ASP F 65 -7.86 9.23 -23.89
C ASP F 65 -7.47 7.80 -24.14
N VAL F 66 -8.48 6.96 -24.35
CA VAL F 66 -8.23 5.55 -24.62
C VAL F 66 -9.15 5.00 -25.71
N CYS F 67 -8.54 4.30 -26.64
CA CYS F 67 -9.32 3.67 -27.67
C CYS F 67 -9.60 2.34 -27.00
N ALA F 68 -10.81 2.23 -26.45
CA ALA F 68 -11.27 1.03 -25.73
C ALA F 68 -11.81 -0.10 -26.58
N ASP F 69 -11.25 -1.29 -26.41
CA ASP F 69 -11.71 -2.44 -27.17
C ASP F 69 -12.82 -3.12 -26.36
N MET F 70 -14.02 -3.18 -26.93
CA MET F 70 -15.17 -3.77 -26.27
C MET F 70 -15.67 -5.05 -26.91
N VAL F 71 -16.45 -5.81 -26.14
CA VAL F 71 -17.06 -7.08 -26.56
C VAL F 71 -18.48 -7.14 -26.01
N GLY F 72 -19.33 -7.95 -26.64
CA GLY F 72 -20.70 -8.07 -26.19
C GLY F 72 -21.47 -9.31 -26.63
N THR F 73 -22.08 -10.01 -25.67
CA THR F 73 -22.84 -11.21 -25.95
C THR F 73 -24.33 -10.96 -25.89
N PHE F 74 -25.05 -11.46 -26.89
CA PHE F 74 -26.49 -11.26 -26.98
C PHE F 74 -27.37 -12.50 -26.72
N THR F 75 -28.32 -12.37 -25.79
CA THR F 75 -29.19 -13.48 -25.41
C THR F 75 -30.68 -13.31 -25.76
N ASP F 76 -31.10 -14.00 -26.81
CA ASP F 76 -32.46 -13.98 -27.35
C ASP F 76 -33.62 -13.58 -26.41
N THR F 77 -34.76 -13.29 -27.04
CA THR F 77 -36.01 -12.92 -26.37
C THR F 77 -37.12 -12.88 -27.44
N GLU F 78 -38.39 -12.98 -27.08
CA GLU F 78 -39.41 -13.01 -28.12
C GLU F 78 -38.92 -12.42 -29.44
N ASP F 79 -39.55 -11.31 -29.84
CA ASP F 79 -39.21 -10.67 -31.10
C ASP F 79 -37.85 -11.10 -31.54
N PRO F 80 -37.65 -11.25 -32.86
CA PRO F 80 -36.35 -11.67 -33.37
C PRO F 80 -35.40 -10.48 -33.33
N ALA F 81 -36.00 -9.28 -33.25
CA ALA F 81 -35.27 -8.03 -33.15
C ALA F 81 -34.55 -7.99 -31.81
N LYS F 82 -35.23 -7.45 -30.81
CA LYS F 82 -34.72 -7.31 -29.44
C LYS F 82 -33.56 -8.25 -29.09
N PHE F 83 -32.98 -8.02 -27.91
CA PHE F 83 -31.86 -8.83 -27.42
C PHE F 83 -31.47 -8.37 -26.01
N LYS F 84 -30.62 -9.16 -25.36
CA LYS F 84 -30.14 -8.78 -24.02
C LYS F 84 -28.62 -8.83 -24.07
N MET F 85 -27.98 -7.66 -23.92
CA MET F 85 -26.54 -7.66 -24.00
C MET F 85 -25.78 -7.44 -22.67
N LYS F 86 -24.67 -8.14 -22.57
CA LYS F 86 -23.80 -8.07 -21.42
C LYS F 86 -22.40 -7.79 -21.95
N TYR F 87 -22.06 -6.54 -22.15
CA TYR F 87 -20.75 -6.22 -22.70
C TYR F 87 -19.60 -6.10 -21.71
N TRP F 88 -18.39 -6.20 -22.22
CA TRP F 88 -17.28 -6.04 -21.32
C TRP F 88 -15.92 -5.77 -21.99
N GLY F 89 -15.21 -4.79 -21.46
CA GLY F 89 -13.93 -4.44 -22.01
C GLY F 89 -12.97 -5.59 -21.94
N VAL F 90 -12.31 -5.92 -23.05
CA VAL F 90 -11.35 -7.01 -22.99
C VAL F 90 -10.46 -6.62 -21.82
N ALA F 91 -10.46 -5.32 -21.55
CA ALA F 91 -9.68 -4.75 -20.47
C ALA F 91 -10.57 -4.16 -19.39
N SER F 92 -10.15 -4.38 -18.16
CA SER F 92 -10.83 -3.93 -16.93
C SER F 92 -11.47 -2.57 -17.10
N PHE F 93 -11.36 -1.78 -16.04
CA PHE F 93 -11.87 -0.41 -15.97
C PHE F 93 -12.89 0.06 -17.04
N LEU F 94 -13.25 -0.84 -17.96
CA LEU F 94 -14.17 -0.51 -19.03
C LEU F 94 -15.63 -0.88 -18.78
N GLN F 95 -16.44 0.13 -18.47
CA GLN F 95 -17.88 -0.03 -18.18
C GLN F 95 -18.51 -1.32 -18.69
N LYS F 96 -18.65 -2.29 -17.78
CA LYS F 96 -19.29 -3.56 -18.09
C LYS F 96 -20.72 -3.36 -17.71
N GLY F 97 -21.60 -4.17 -18.28
CA GLY F 97 -23.01 -4.01 -17.99
C GLY F 97 -23.93 -4.80 -18.90
N ASN F 98 -25.20 -4.43 -18.83
CA ASN F 98 -26.24 -5.04 -19.62
C ASN F 98 -27.07 -3.85 -20.09
N ASP F 99 -27.57 -3.91 -21.32
CA ASP F 99 -28.40 -2.84 -21.88
C ASP F 99 -29.34 -3.46 -22.88
N ASP F 100 -30.46 -2.80 -23.08
CA ASP F 100 -31.44 -3.26 -24.05
C ASP F 100 -30.64 -3.11 -25.33
N HIS F 101 -31.00 -3.83 -26.40
CA HIS F 101 -30.22 -3.73 -27.62
C HIS F 101 -31.02 -4.00 -28.87
N TRP F 102 -32.26 -3.56 -28.86
CA TRP F 102 -33.12 -3.75 -30.00
C TRP F 102 -32.37 -3.51 -31.29
N ILE F 103 -33.12 -3.49 -32.38
CA ILE F 103 -32.58 -3.24 -33.71
C ILE F 103 -33.86 -2.73 -34.33
N VAL F 104 -34.02 -1.41 -34.35
CA VAL F 104 -35.24 -0.80 -34.85
C VAL F 104 -35.52 -1.00 -36.34
N ASP F 105 -34.46 -1.01 -37.16
CA ASP F 105 -34.61 -1.28 -38.58
C ASP F 105 -33.28 -1.46 -39.26
N THR F 106 -33.27 -2.09 -40.42
CA THR F 106 -32.02 -2.31 -41.13
C THR F 106 -32.14 -3.26 -42.29
N ASP F 107 -31.73 -2.80 -43.47
CA ASP F 107 -31.77 -3.64 -44.66
C ASP F 107 -30.61 -4.59 -44.70
N TYR F 108 -29.80 -4.53 -43.65
CA TYR F 108 -28.63 -5.39 -43.50
C TYR F 108 -27.44 -4.80 -44.22
N ASP F 109 -27.64 -4.45 -45.49
CA ASP F 109 -26.53 -3.89 -46.27
C ASP F 109 -26.55 -2.43 -46.61
N THR F 110 -26.24 -1.59 -45.62
CA THR F 110 -26.26 -0.14 -45.82
C THR F 110 -26.57 0.73 -44.58
N TYR F 111 -27.74 0.55 -43.98
CA TYR F 111 -28.15 1.30 -42.78
C TYR F 111 -28.80 0.33 -41.83
N ALA F 112 -28.98 0.79 -40.60
CA ALA F 112 -29.64 0.03 -39.54
C ALA F 112 -29.94 1.07 -38.47
N VAL F 113 -30.59 0.67 -37.40
CA VAL F 113 -30.88 1.64 -36.35
C VAL F 113 -31.10 0.91 -35.04
N GLN F 114 -30.24 1.19 -34.06
CA GLN F 114 -30.31 0.54 -32.77
C GLN F 114 -30.68 1.46 -31.62
N TYR F 115 -31.69 1.05 -30.85
CA TYR F 115 -32.23 1.82 -29.73
C TYR F 115 -32.05 1.12 -28.40
N SER F 116 -32.00 1.87 -27.29
CA SER F 116 -31.82 1.18 -26.01
C SER F 116 -32.01 1.98 -24.73
N CYS F 117 -33.25 2.08 -24.24
CA CYS F 117 -33.47 2.80 -22.99
C CYS F 117 -33.32 1.81 -21.86
N ARG F 118 -32.44 2.06 -20.90
CA ARG F 118 -32.27 1.11 -19.80
C ARG F 118 -33.01 1.39 -18.50
N LEU F 119 -33.61 2.56 -18.38
CA LEU F 119 -34.42 2.86 -17.22
C LEU F 119 -35.72 3.39 -17.84
N LEU F 120 -36.83 3.23 -17.15
CA LEU F 120 -38.11 3.71 -17.67
C LEU F 120 -38.62 4.81 -16.76
N ASN F 121 -39.11 5.90 -17.36
CA ASN F 121 -39.63 7.02 -16.59
C ASN F 121 -40.97 6.72 -15.93
N LEU F 122 -40.96 6.59 -14.60
CA LEU F 122 -42.17 6.35 -13.82
C LEU F 122 -43.21 5.56 -14.61
N ASP F 123 -43.27 4.25 -14.47
CA ASP F 123 -44.25 3.55 -15.29
C ASP F 123 -44.46 4.53 -16.44
N GLY F 124 -44.03 4.13 -17.63
CA GLY F 124 -44.16 5.01 -18.77
C GLY F 124 -42.95 4.94 -19.66
N THR F 125 -42.96 3.92 -20.50
CA THR F 125 -41.98 3.60 -21.51
C THR F 125 -40.68 4.45 -21.76
N CYS F 126 -39.62 4.19 -20.97
CA CYS F 126 -38.29 4.85 -21.09
C CYS F 126 -38.04 6.18 -20.38
N ALA F 127 -36.77 6.62 -20.27
CA ALA F 127 -36.50 7.93 -19.65
C ALA F 127 -35.10 8.41 -19.95
N ASP F 128 -34.32 7.57 -20.64
CA ASP F 128 -32.93 7.95 -21.01
C ASP F 128 -32.12 6.86 -21.76
N SER F 129 -32.21 6.88 -23.09
CA SER F 129 -31.53 5.87 -23.92
C SER F 129 -30.45 6.38 -24.83
N TYR F 130 -29.69 5.46 -25.40
CA TYR F 130 -28.59 5.78 -26.31
C TYR F 130 -28.80 5.08 -27.65
N SER F 131 -28.76 5.82 -28.75
CA SER F 131 -28.97 5.20 -30.05
C SER F 131 -27.87 5.46 -31.05
N PHE F 132 -27.53 4.42 -31.79
CA PHE F 132 -26.50 4.49 -32.80
C PHE F 132 -27.11 4.42 -34.22
N VAL F 133 -26.42 5.05 -35.18
CA VAL F 133 -26.85 5.08 -36.57
C VAL F 133 -25.75 4.36 -37.30
N PHE F 134 -26.02 3.15 -37.79
CA PHE F 134 -25.00 2.39 -38.50
C PHE F 134 -25.22 2.31 -40.01
N SER F 135 -24.12 2.17 -40.74
CA SER F 135 -24.16 2.04 -42.21
C SER F 135 -22.94 1.27 -42.72
N ARG F 136 -23.18 0.40 -43.70
CA ARG F 136 -22.11 -0.42 -44.27
C ARG F 136 -20.87 0.42 -44.59
N ASP F 137 -20.95 1.28 -45.61
CA ASP F 137 -19.83 2.14 -45.99
C ASP F 137 -19.72 3.46 -45.24
N PRO F 138 -18.53 3.72 -44.67
CA PRO F 138 -18.13 4.89 -43.87
C PRO F 138 -18.26 6.25 -44.53
N ASN F 139 -18.82 6.27 -45.74
CA ASN F 139 -18.98 7.53 -46.48
C ASN F 139 -20.28 8.26 -46.22
N GLY F 140 -21.37 7.51 -46.14
CA GLY F 140 -22.69 8.06 -45.92
C GLY F 140 -23.68 7.07 -46.46
N LEU F 141 -24.94 7.47 -46.63
CA LEU F 141 -25.95 6.53 -47.14
C LEU F 141 -26.71 7.26 -48.18
N PRO F 142 -27.11 6.57 -49.24
CA PRO F 142 -27.86 7.12 -50.38
C PRO F 142 -29.03 8.01 -50.01
N PRO F 143 -29.78 8.44 -51.01
CA PRO F 143 -30.90 9.30 -50.61
C PRO F 143 -31.99 8.48 -49.91
N GLU F 144 -32.24 7.26 -50.36
CA GLU F 144 -33.27 6.39 -49.77
C GLU F 144 -33.10 6.14 -48.26
N ALA F 145 -32.08 5.36 -47.88
CA ALA F 145 -31.82 5.10 -46.46
C ALA F 145 -32.17 6.41 -45.76
N GLN F 146 -31.16 7.27 -45.57
CA GLN F 146 -31.30 8.59 -44.92
C GLN F 146 -32.77 9.07 -44.78
N LYS F 147 -33.57 8.86 -45.81
CA LYS F 147 -34.98 9.27 -45.76
C LYS F 147 -35.81 8.34 -44.85
N ILE F 148 -35.16 7.30 -44.32
CA ILE F 148 -35.81 6.30 -43.45
C ILE F 148 -35.18 6.43 -42.06
N VAL F 149 -33.86 6.48 -42.02
CA VAL F 149 -33.14 6.65 -40.76
C VAL F 149 -33.70 7.93 -40.18
N ALA F 150 -34.30 8.75 -41.06
CA ALA F 150 -34.88 10.06 -40.73
C ALA F 150 -36.33 9.89 -40.30
N GLN F 151 -37.00 8.92 -40.91
CA GLN F 151 -38.39 8.60 -40.59
C GLN F 151 -38.38 7.29 -39.78
N ARG F 152 -37.79 7.41 -38.60
CA ARG F 152 -37.62 6.37 -37.62
C ARG F 152 -37.35 7.23 -36.38
N GLN F 153 -36.27 8.00 -36.47
CA GLN F 153 -35.85 8.91 -35.43
C GLN F 153 -37.08 9.65 -34.94
N GLU F 154 -38.18 9.50 -35.67
CA GLU F 154 -39.44 10.12 -35.31
C GLU F 154 -40.26 9.09 -34.57
N GLU F 155 -40.31 7.88 -35.14
CA GLU F 155 -41.01 6.78 -34.52
C GLU F 155 -40.19 6.60 -33.24
N LEU F 156 -39.06 5.91 -33.34
CA LEU F 156 -38.17 5.68 -32.18
C LEU F 156 -37.95 6.88 -31.28
N CYS F 157 -38.38 8.07 -31.73
CA CYS F 157 -38.24 9.29 -30.94
C CYS F 157 -36.78 9.81 -30.89
N LEU F 158 -36.52 11.01 -31.44
CA LEU F 158 -35.17 11.55 -31.41
C LEU F 158 -34.85 12.65 -32.42
N ALA F 159 -35.50 12.57 -33.57
CA ALA F 159 -35.31 13.53 -34.64
C ALA F 159 -34.27 14.63 -34.34
N ALA F 160 -33.14 14.58 -35.02
CA ALA F 160 -32.12 15.60 -34.81
C ALA F 160 -31.39 15.47 -33.46
N GLN F 161 -31.99 14.74 -32.54
CA GLN F 161 -31.42 14.56 -31.22
C GLN F 161 -30.07 13.84 -31.21
N TYR F 162 -29.46 13.74 -32.38
CA TYR F 162 -28.17 13.06 -32.52
C TYR F 162 -27.00 14.03 -32.57
N ARG F 163 -25.87 13.51 -33.03
CA ARG F 163 -24.64 14.27 -33.16
C ARG F 163 -23.59 13.40 -33.86
N LEU F 164 -23.63 13.38 -35.19
CA LEU F 164 -22.69 12.59 -36.01
C LEU F 164 -21.30 12.39 -35.41
N ILE F 165 -20.74 11.19 -35.57
CA ILE F 165 -19.41 10.93 -35.03
C ILE F 165 -18.34 10.91 -36.11
N VAL F 166 -17.21 11.56 -35.83
CA VAL F 166 -16.12 11.62 -36.80
C VAL F 166 -15.47 10.26 -36.79
N HIS F 167 -14.21 10.20 -37.15
CA HIS F 167 -13.50 8.95 -37.16
C HIS F 167 -12.08 9.25 -37.63
N ASN F 168 -11.34 10.00 -36.82
CA ASN F 168 -9.98 10.35 -37.18
C ASN F 168 -9.00 9.33 -36.65
N GLY F 169 -8.59 8.40 -37.52
CA GLY F 169 -7.65 7.39 -37.07
C GLY F 169 -7.25 7.64 -35.63
N TYR F 170 -7.58 6.69 -34.76
CA TYR F 170 -7.24 6.79 -33.35
C TYR F 170 -7.36 5.44 -32.72
N CYS F 171 -8.20 4.59 -33.31
CA CYS F 171 -8.38 3.25 -32.77
C CYS F 171 -8.10 2.21 -33.84
C1 RTL G . 25.51 -6.34 25.05
C2 RTL G . 26.70 -7.31 25.03
C3 RTL G . 26.65 -8.38 23.97
C4 RTL G . 25.40 -8.24 23.13
C5 RTL G . 25.06 -6.79 22.81
C6 RTL G . 25.16 -5.72 23.67
C7 RTL G . 24.08 -4.71 23.56
C8 RTL G . 22.92 -4.94 22.84
C9 RTL G . 21.97 -3.83 22.81
C10 RTL G . 20.82 -4.32 22.31
C11 RTL G . 19.84 -3.25 22.24
C12 RTL G . 18.69 -3.78 21.75
C13 RTL G . 17.76 -2.77 21.29
C14 RTL G . 16.66 -3.42 20.86
C15 RTL G . 15.68 -2.46 20.39
O1 RTL G . 14.59 -3.14 19.98
C16 RTL G . 26.13 -5.21 25.79
C17 RTL G . 24.39 -6.93 25.87
C18 RTL G . 24.68 -6.70 21.36
C19 RTL G . 22.59 -2.55 23.34
C20 RTL G . 17.33 -1.77 22.36
C1 RTL H . -22.55 -1.88 -29.15
C2 RTL H . -22.91 -2.99 -30.16
C3 RTL H . -21.99 -4.21 -30.14
C4 RTL H . -20.92 -4.08 -29.10
C5 RTL H . -21.39 -3.43 -27.80
C6 RTL H . -22.28 -2.38 -27.70
C7 RTL H . -21.95 -1.42 -26.62
C8 RTL H . -20.69 -1.29 -26.06
C9 RTL H . -20.63 -0.28 -24.99
C10 RTL H . -19.32 -0.15 -24.62
C11 RTL H . -19.22 0.86 -23.55
C12 RTL H . -17.93 1.03 -23.18
C13 RTL H . -17.78 1.82 -21.97
C14 RTL H . -16.44 1.95 -21.71
C15 RTL H . -16.24 2.75 -20.51
O1 RTL H . -14.90 2.85 -20.29
C16 RTL H . -23.88 -1.21 -29.07
C17 RTL H . -21.55 -0.94 -29.80
C18 RTL H . -20.81 -4.22 -26.65
C19 RTL H . -22.02 0.26 -24.65
C20 RTL H . -18.38 3.24 -22.07
#